data_5HJE
#
_entry.id   5HJE
#
_cell.length_a   100.974
_cell.length_b   183.201
_cell.length_c   98.435
_cell.angle_alpha   90.000
_cell.angle_beta   90.000
_cell.angle_gamma   90.000
#
_symmetry.space_group_name_H-M   'C 2 2 21'
#
loop_
_entity.id
_entity.type
_entity.pdbx_description
1 polymer Transketolase
2 non-polymer 'THIAMINE DIPHOSPHATE'
3 non-polymer 'CALCIUM ION'
4 non-polymer 'D-ALTRO-HEPT-2-ULOSE 7-PHOSPHATE'
5 water water
#
_entity_poly.entity_id   1
_entity_poly.type   'polypeptide(L)'
_entity_poly.pdbx_seq_one_letter_code
;MGSSHHHHHHSSGLVPRGSHMSSVDQKAISTIRLLAVDAVAAANSGHPGAPLGLAPAAHAVFKKMRFNPKDTKWINRDRF
VLSNGHACALLYSMLVLYGYDLTVEDLKKFRQLGSKTPGHPENTDVPGAEVTTGPLGQGICNGVGIALAQAQFAATYNKP
DFPISDSYTYVFLGDGCLMEGVSSEASSLAGHLQLGNLIAFWDDNKISIDGSTEVAFTEDVIARYKSYGWHIVEVSDADT
DITAIAAAIDEAKKVTNKPTLVRLTTTIGFGSLAQGTHGVHGAPLKADDIKQLKTKWGFNPEESFAVPAEVTASYNEHVA
ENQKIQQQWNELFAAYKQKYPELGAELQRRLDGKLPENWDKALPVYTPADAAVATRKLSEIVLSKIIPEVPEIIGGSADL
TPSNLTKAKGTVDFQPAATGLGDYSGRYIRYGVREHAMGAIMNGIAAFGANYKNYGGTFLNFVSYAAGAVRLSALSEFPI
TWVATHDSIGLGEDGPTHQPIETLAHFRATPNISVWRPADGNETSAAYKSAIESTHTPHILALTRQNLPQLEGSSIEKAS
KGGYTLVQQDKADIIIVATGSEVSLAVDALKVLEGQGIKAGVVSLPDQLTFDKQSEEYKLSVLPDGVPILSVEVMSTFGW
SKYSHQQFGLNRFGASGKAPEIFKLFEFTPEGVAERAAKTVAFYKGKDVVSPLRSAF
;
_entity_poly.pdbx_strand_id   A
#
# COMPACT_ATOMS: atom_id res chain seq x y z
N SER A 22 27.80 -23.43 14.77
CA SER A 22 29.03 -22.81 15.30
C SER A 22 30.08 -22.71 14.18
N SER A 23 30.85 -23.77 13.98
CA SER A 23 31.47 -23.92 12.67
C SER A 23 30.39 -23.93 11.59
N VAL A 24 29.27 -24.59 11.87
CA VAL A 24 28.20 -24.62 10.87
C VAL A 24 27.57 -23.23 10.71
N ASP A 25 27.49 -22.48 11.80
CA ASP A 25 26.98 -21.11 11.69
C ASP A 25 27.87 -20.28 10.79
N GLN A 26 29.18 -20.40 10.96
CA GLN A 26 30.09 -19.66 10.11
C GLN A 26 29.96 -20.10 8.66
N LYS A 27 29.82 -21.40 8.42
CA LYS A 27 29.65 -21.88 7.06
C LYS A 27 28.34 -21.37 6.44
N ALA A 28 27.26 -21.32 7.23
CA ALA A 28 25.99 -20.78 6.73
C ALA A 28 26.16 -19.33 6.31
N ILE A 29 26.78 -18.52 7.16
CA ILE A 29 27.02 -17.11 6.84
C ILE A 29 27.84 -16.98 5.55
N SER A 30 28.90 -17.77 5.41
CA SER A 30 29.68 -17.73 4.17
C SER A 30 28.83 -18.15 2.98
N THR A 31 28.00 -19.18 3.17
CA THR A 31 27.14 -19.66 2.08
C THR A 31 26.23 -18.55 1.60
N ILE A 32 25.61 -17.85 2.56
CA ILE A 32 24.70 -16.75 2.26
C ILE A 32 25.44 -15.68 1.49
N ARG A 33 26.59 -15.25 2.01
CA ARG A 33 27.39 -14.21 1.37
C ARG A 33 27.72 -14.60 -0.06
N LEU A 34 28.17 -15.84 -0.27
CA LEU A 34 28.65 -16.23 -1.59
C LEU A 34 27.52 -16.50 -2.56
N LEU A 35 26.37 -17.01 -2.08
CA LEU A 35 25.20 -17.08 -2.95
C LEU A 35 24.83 -15.70 -3.46
N ALA A 36 24.83 -14.72 -2.56
CA ALA A 36 24.43 -13.36 -2.95
C ALA A 36 25.39 -12.80 -3.98
N VAL A 37 26.71 -12.93 -3.73
CA VAL A 37 27.72 -12.42 -4.66
C VAL A 37 27.68 -13.17 -5.99
N ASP A 38 27.47 -14.50 -5.96
CA ASP A 38 27.36 -15.25 -7.19
C ASP A 38 26.11 -14.89 -8.00
N ALA A 39 25.00 -14.58 -7.33
CA ALA A 39 23.81 -14.16 -8.05
C ALA A 39 24.05 -12.84 -8.75
N VAL A 40 24.65 -11.87 -8.05
CA VAL A 40 25.01 -10.60 -8.67
C VAL A 40 25.96 -10.84 -9.85
N ALA A 41 26.93 -11.73 -9.65
CA ALA A 41 27.92 -11.98 -10.69
C ALA A 41 27.26 -12.55 -11.94
N ALA A 42 26.34 -13.50 -11.77
CA ALA A 42 25.71 -14.12 -12.93
C ALA A 42 24.87 -13.11 -13.71
N ALA A 43 24.20 -12.22 -13.01
CA ALA A 43 23.41 -11.18 -13.66
C ALA A 43 24.26 -10.06 -14.22
N ASN A 44 25.52 -9.98 -13.76
CA ASN A 44 26.34 -8.79 -13.99
C ASN A 44 25.58 -7.51 -13.67
N SER A 45 24.77 -7.57 -12.60
CA SER A 45 23.95 -6.46 -12.17
C SER A 45 23.55 -6.72 -10.73
N GLY A 46 23.43 -5.64 -9.94
CA GLY A 46 22.91 -5.74 -8.60
C GLY A 46 23.91 -5.36 -7.53
N HIS A 47 23.56 -5.69 -6.29
CA HIS A 47 24.07 -5.00 -5.10
C HIS A 47 24.68 -6.03 -4.16
N PRO A 48 26.01 -6.18 -4.14
CA PRO A 48 26.63 -7.20 -3.28
C PRO A 48 26.99 -6.69 -1.89
N GLY A 49 27.09 -5.37 -1.72
CA GLY A 49 27.67 -4.83 -0.50
C GLY A 49 26.88 -5.08 0.76
N ALA A 50 25.62 -4.67 0.77
CA ALA A 50 24.81 -4.85 1.95
C ALA A 50 24.54 -6.33 2.21
N PRO A 51 24.31 -7.17 1.20
CA PRO A 51 24.23 -8.61 1.49
C PRO A 51 25.46 -9.15 2.20
N LEU A 52 26.67 -8.76 1.77
CA LEU A 52 27.87 -9.19 2.48
C LEU A 52 27.86 -8.71 3.92
N GLY A 53 27.47 -7.45 4.14
CA GLY A 53 27.51 -6.89 5.47
C GLY A 53 26.44 -7.43 6.41
N LEU A 54 25.29 -7.81 5.86
CA LEU A 54 24.14 -8.22 6.67
C LEU A 54 23.94 -9.73 6.76
N ALA A 55 24.78 -10.54 6.11
CA ALA A 55 24.60 -11.98 6.20
C ALA A 55 24.66 -12.51 7.63
N PRO A 56 25.56 -12.05 8.51
CA PRO A 56 25.51 -12.53 9.90
C PRO A 56 24.19 -12.22 10.58
N ALA A 57 23.72 -10.99 10.41
CA ALA A 57 22.46 -10.59 11.03
C ALA A 57 21.28 -11.38 10.46
N ALA A 58 21.24 -11.57 9.12
CA ALA A 58 20.17 -12.36 8.52
C ALA A 58 20.16 -13.78 9.07
N HIS A 59 21.33 -14.41 9.11
CA HIS A 59 21.43 -15.74 9.69
C HIS A 59 20.87 -15.77 11.11
N ALA A 60 21.27 -14.80 11.94
CA ALA A 60 20.83 -14.79 13.33
C ALA A 60 19.32 -14.54 13.44
N VAL A 61 18.80 -13.60 12.66
CA VAL A 61 17.38 -13.26 12.76
C VAL A 61 16.53 -14.40 12.28
N PHE A 62 16.87 -15.01 11.14
CA PHE A 62 16.03 -16.09 10.64
C PHE A 62 16.06 -17.29 11.59
N LYS A 63 17.18 -17.52 12.29
CA LYS A 63 17.19 -18.58 13.30
C LYS A 63 16.24 -18.31 14.46
N LYS A 64 15.98 -17.05 14.77
CA LYS A 64 15.02 -16.70 15.82
C LYS A 64 13.60 -16.65 15.30
N MET A 65 13.40 -16.50 14.00
CA MET A 65 12.07 -16.35 13.44
C MET A 65 11.33 -17.68 13.33
N ARG A 66 10.01 -17.58 13.50
CA ARG A 66 9.08 -18.68 13.28
C ARG A 66 8.38 -18.49 11.94
N PHE A 67 8.52 -19.46 11.04
CA PHE A 67 7.98 -19.35 9.70
C PHE A 67 7.92 -20.75 9.12
N ASN A 68 7.05 -20.93 8.14
CA ASN A 68 6.96 -22.20 7.42
C ASN A 68 7.19 -21.94 5.94
N PRO A 69 8.33 -22.36 5.38
CA PRO A 69 8.55 -22.20 3.94
C PRO A 69 7.48 -22.79 3.08
N LYS A 70 6.78 -23.80 3.58
CA LYS A 70 5.71 -24.47 2.87
C LYS A 70 4.35 -23.86 3.13
N ASP A 71 4.24 -22.90 4.04
CA ASP A 71 2.99 -22.16 4.23
C ASP A 71 3.34 -20.71 4.54
N THR A 72 3.50 -19.92 3.48
CA THR A 72 3.90 -18.53 3.60
C THR A 72 2.82 -17.68 4.21
N LYS A 73 1.61 -18.20 4.40
CA LYS A 73 0.50 -17.39 4.90
C LYS A 73 0.08 -17.75 6.34
N TRP A 74 0.82 -18.63 7.02
CA TRP A 74 0.53 -18.90 8.42
C TRP A 74 0.40 -17.60 9.19
N ILE A 75 -0.77 -17.39 9.81
CA ILE A 75 -1.06 -16.05 10.31
C ILE A 75 -0.23 -15.68 11.52
N ASN A 76 0.29 -16.66 12.26
CA ASN A 76 1.11 -16.36 13.42
C ASN A 76 2.62 -16.46 13.14
N ARG A 77 3.01 -16.43 11.87
CA ARG A 77 4.44 -16.36 11.54
C ARG A 77 5.03 -15.03 11.99
N ASP A 78 6.31 -15.06 12.36
CA ASP A 78 7.03 -13.80 12.39
C ASP A 78 7.17 -13.30 10.96
N ARG A 79 7.17 -11.98 10.80
CA ARG A 79 7.39 -11.35 9.49
C ARG A 79 8.77 -10.73 9.44
N PHE A 80 9.39 -10.81 8.26
CA PHE A 80 10.65 -10.18 7.94
C PHE A 80 10.43 -9.23 6.77
N VAL A 81 10.98 -8.02 6.88
CA VAL A 81 10.92 -7.03 5.81
C VAL A 81 12.31 -6.50 5.54
N LEU A 82 12.71 -6.55 4.28
CA LEU A 82 13.99 -6.00 3.83
C LEU A 82 13.69 -4.59 3.30
N SER A 83 13.84 -3.59 4.16
CA SER A 83 13.52 -2.23 3.74
C SER A 83 14.57 -1.69 2.79
N ASN A 84 15.82 -2.08 2.98
CA ASN A 84 16.88 -1.78 2.01
C ASN A 84 16.82 -2.84 0.90
N GLY A 85 15.78 -2.70 0.06
CA GLY A 85 15.41 -3.77 -0.86
C GLY A 85 16.44 -4.06 -1.93
N HIS A 86 17.32 -3.11 -2.24
CA HIS A 86 18.42 -3.38 -3.16
C HIS A 86 19.28 -4.56 -2.68
N ALA A 87 19.27 -4.86 -1.38
CA ALA A 87 20.02 -5.98 -0.82
C ALA A 87 19.30 -7.33 -1.02
N CYS A 88 18.33 -7.40 -1.94
CA CYS A 88 17.49 -8.59 -2.06
C CYS A 88 18.22 -9.88 -2.38
N ALA A 89 19.43 -9.84 -2.96
CA ALA A 89 20.17 -11.08 -3.12
C ALA A 89 20.36 -11.79 -1.78
N LEU A 90 20.45 -11.01 -0.69
CA LEU A 90 20.48 -11.59 0.65
C LEU A 90 19.17 -12.27 1.00
N LEU A 91 18.04 -11.59 0.80
CA LEU A 91 16.75 -12.19 1.09
C LEU A 91 16.54 -13.45 0.25
N TYR A 92 16.82 -13.37 -1.05
CA TYR A 92 16.58 -14.54 -1.89
C TYR A 92 17.44 -15.71 -1.43
N SER A 93 18.68 -15.44 -1.00
CA SER A 93 19.55 -16.52 -0.53
C SER A 93 18.96 -17.18 0.71
N MET A 94 18.40 -16.38 1.63
CA MET A 94 17.77 -16.98 2.81
C MET A 94 16.59 -17.84 2.42
N LEU A 95 15.74 -17.34 1.52
CA LEU A 95 14.56 -18.07 1.12
C LEU A 95 14.93 -19.38 0.43
N VAL A 96 15.97 -19.36 -0.41
CA VAL A 96 16.44 -20.59 -1.06
C VAL A 96 16.96 -21.57 -0.02
N LEU A 97 17.79 -21.08 0.90
CA LEU A 97 18.43 -21.98 1.85
C LEU A 97 17.39 -22.63 2.77
N TYR A 98 16.28 -21.94 3.06
CA TYR A 98 15.23 -22.46 3.93
C TYR A 98 14.17 -23.26 3.19
N GLY A 99 14.30 -23.41 1.87
CA GLY A 99 13.36 -24.27 1.16
C GLY A 99 12.02 -23.64 0.87
N TYR A 100 11.95 -22.32 0.77
CA TYR A 100 10.78 -21.69 0.18
C TYR A 100 10.70 -22.13 -1.29
N ASP A 101 9.62 -21.74 -1.96
CA ASP A 101 9.41 -22.06 -3.37
C ASP A 101 10.28 -21.18 -4.27
N LEU A 102 11.59 -21.29 -4.05
CA LEU A 102 12.61 -20.49 -4.70
C LEU A 102 13.89 -21.32 -4.62
N THR A 103 14.55 -21.55 -5.74
CA THR A 103 15.65 -22.49 -5.80
C THR A 103 16.96 -21.83 -6.24
N VAL A 104 18.05 -22.59 -6.17
CA VAL A 104 19.30 -22.12 -6.73
C VAL A 104 19.15 -21.73 -8.20
N GLU A 105 18.37 -22.50 -8.97
CA GLU A 105 18.15 -22.16 -10.36
C GLU A 105 17.50 -20.79 -10.51
N ASP A 106 16.60 -20.43 -9.61
CA ASP A 106 16.02 -19.09 -9.62
C ASP A 106 17.08 -18.05 -9.27
N LEU A 107 17.97 -18.35 -8.31
CA LEU A 107 19.05 -17.41 -8.01
C LEU A 107 19.94 -17.18 -9.22
N LYS A 108 20.17 -18.22 -10.01
CA LYS A 108 21.00 -18.08 -11.21
C LYS A 108 20.34 -17.17 -12.23
N LYS A 109 19.03 -16.92 -12.09
CA LYS A 109 18.27 -16.05 -12.97
C LYS A 109 17.95 -14.71 -12.31
N PHE A 110 18.72 -14.34 -11.29
CA PHE A 110 18.61 -13.06 -10.63
C PHE A 110 18.61 -11.94 -11.65
N ARG A 111 17.66 -11.03 -11.54
CA ARG A 111 17.56 -9.85 -12.38
C ARG A 111 17.30 -10.16 -13.85
N GLN A 112 16.85 -11.37 -14.17
CA GLN A 112 16.57 -11.75 -15.56
C GLN A 112 15.08 -11.74 -15.84
N LEU A 113 14.74 -11.36 -17.06
CA LEU A 113 13.35 -11.15 -17.42
C LEU A 113 12.52 -12.38 -17.09
N GLY A 114 11.45 -12.16 -16.35
CA GLY A 114 10.51 -13.21 -16.00
C GLY A 114 10.89 -14.07 -14.83
N SER A 115 12.03 -13.81 -14.19
CA SER A 115 12.44 -14.69 -13.11
C SER A 115 11.68 -14.38 -11.81
N LYS A 116 11.81 -15.30 -10.85
CA LYS A 116 11.26 -15.12 -9.53
C LYS A 116 12.23 -14.41 -8.59
N THR A 117 13.32 -13.86 -9.14
CA THR A 117 14.34 -13.15 -8.38
C THR A 117 14.59 -11.78 -9.00
N PRO A 118 13.58 -10.91 -8.99
CA PRO A 118 13.74 -9.59 -9.58
C PRO A 118 14.70 -8.73 -8.78
N GLY A 119 15.19 -7.68 -9.45
CA GLY A 119 16.21 -6.84 -8.86
C GLY A 119 15.85 -6.12 -7.57
N HIS A 120 14.54 -6.01 -7.26
CA HIS A 120 14.03 -5.59 -5.97
C HIS A 120 12.88 -6.53 -5.63
N PRO A 121 12.67 -6.85 -4.35
CA PRO A 121 11.68 -7.86 -4.02
C PRO A 121 10.26 -7.37 -4.28
N GLU A 122 9.46 -8.25 -4.86
CA GLU A 122 8.05 -8.00 -5.15
C GLU A 122 7.20 -9.07 -4.50
N ASN A 123 6.27 -8.67 -3.64
CA ASN A 123 5.44 -9.66 -2.95
C ASN A 123 4.57 -10.46 -3.91
N THR A 124 4.23 -9.92 -5.09
CA THR A 124 3.41 -10.69 -6.02
C THR A 124 4.19 -11.83 -6.68
N ASP A 125 5.51 -11.73 -6.75
CA ASP A 125 6.33 -12.64 -7.55
C ASP A 125 7.24 -13.53 -6.72
N VAL A 126 7.55 -13.13 -5.49
CA VAL A 126 8.60 -13.77 -4.70
C VAL A 126 7.97 -14.42 -3.47
N PRO A 127 8.00 -15.74 -3.37
CA PRO A 127 7.47 -16.39 -2.17
C PRO A 127 8.29 -16.01 -0.96
N GLY A 128 7.62 -15.55 0.09
CA GLY A 128 8.29 -15.12 1.30
C GLY A 128 8.66 -13.64 1.32
N ALA A 129 8.33 -12.89 0.27
CA ALA A 129 8.49 -11.43 0.28
C ALA A 129 7.16 -10.85 0.73
N GLU A 130 7.13 -10.30 1.95
CA GLU A 130 5.85 -9.88 2.52
C GLU A 130 5.31 -8.62 1.85
N VAL A 131 6.21 -7.77 1.35
CA VAL A 131 5.91 -6.49 0.76
C VAL A 131 6.89 -6.29 -0.37
N THR A 132 6.69 -5.21 -1.11
CA THR A 132 7.55 -4.84 -2.23
C THR A 132 8.41 -3.67 -1.77
N THR A 133 9.72 -3.84 -1.80
CA THR A 133 10.63 -2.79 -1.36
C THR A 133 11.60 -2.48 -2.49
N GLY A 134 12.52 -1.55 -2.22
CA GLY A 134 13.36 -0.98 -3.24
C GLY A 134 13.31 0.54 -3.25
N PRO A 135 12.11 1.09 -3.21
CA PRO A 135 11.97 2.51 -2.91
C PRO A 135 12.22 2.73 -1.42
N LEU A 136 13.32 3.43 -1.14
CA LEU A 136 13.83 3.48 0.22
C LEU A 136 12.82 4.09 1.19
N GLY A 137 12.85 3.60 2.42
CA GLY A 137 12.00 4.07 3.48
C GLY A 137 10.71 3.32 3.60
N GLN A 138 10.26 2.66 2.54
CA GLN A 138 8.94 2.06 2.56
C GLN A 138 8.88 0.88 3.51
N GLY A 139 9.87 -0.02 3.44
CA GLY A 139 9.77 -1.29 4.15
C GLY A 139 9.65 -1.11 5.66
N ILE A 140 10.42 -0.20 6.25
CA ILE A 140 10.30 0.01 7.69
C ILE A 140 8.89 0.49 8.05
N CYS A 141 8.31 1.35 7.21
CA CYS A 141 6.92 1.77 7.43
C CYS A 141 5.96 0.61 7.26
N ASN A 142 6.20 -0.26 6.26
CA ASN A 142 5.38 -1.46 6.11
C ASN A 142 5.48 -2.31 7.37
N GLY A 143 6.67 -2.44 7.92
CA GLY A 143 6.83 -3.16 9.18
C GLY A 143 6.05 -2.55 10.32
N VAL A 144 6.03 -1.22 10.41
CA VAL A 144 5.18 -0.59 11.40
C VAL A 144 3.73 -1.05 11.22
N GLY A 145 3.27 -1.07 9.97
CA GLY A 145 1.88 -1.48 9.71
C GLY A 145 1.64 -2.95 10.02
N ILE A 146 2.60 -3.82 9.69
CA ILE A 146 2.46 -5.24 10.05
C ILE A 146 2.35 -5.36 11.56
N ALA A 147 3.19 -4.64 12.30
CA ALA A 147 3.18 -4.71 13.74
C ALA A 147 1.90 -4.11 14.33
N LEU A 148 1.42 -3.02 13.72
CA LEU A 148 0.15 -2.43 14.14
C LEU A 148 -0.97 -3.44 14.00
N ALA A 149 -1.08 -4.04 12.81
CA ALA A 149 -2.08 -5.07 12.57
C ALA A 149 -1.94 -6.22 13.56
N GLN A 150 -0.71 -6.72 13.77
CA GLN A 150 -0.52 -7.82 14.71
C GLN A 150 -1.09 -7.46 16.10
N ALA A 151 -0.81 -6.23 16.56
CA ALA A 151 -1.27 -5.81 17.88
C ALA A 151 -2.79 -5.72 17.94
N GLN A 152 -3.38 -5.20 16.87
CA GLN A 152 -4.83 -5.08 16.82
C GLN A 152 -5.47 -6.45 16.73
N PHE A 153 -4.88 -7.34 15.93
CA PHE A 153 -5.37 -8.70 15.74
C PHE A 153 -5.29 -9.47 17.05
N ALA A 154 -4.13 -9.41 17.72
CA ALA A 154 -3.97 -10.06 19.01
C ALA A 154 -4.96 -9.55 20.05
N ALA A 155 -5.16 -8.24 20.10
CA ALA A 155 -6.09 -7.69 21.08
C ALA A 155 -7.51 -8.13 20.79
N THR A 156 -7.86 -8.33 19.52
CA THR A 156 -9.20 -8.72 19.14
C THR A 156 -9.47 -10.20 19.46
N TYR A 157 -8.49 -11.08 19.26
CA TYR A 157 -8.73 -12.52 19.31
C TYR A 157 -8.09 -13.25 20.49
N ASN A 158 -6.95 -12.83 20.99
CA ASN A 158 -6.30 -13.62 22.04
C ASN A 158 -7.20 -13.69 23.28
N LYS A 159 -7.12 -14.83 23.94
CA LYS A 159 -7.86 -15.08 25.18
C LYS A 159 -6.93 -15.81 26.15
N PRO A 160 -7.28 -15.91 27.43
CA PRO A 160 -6.41 -16.65 28.35
C PRO A 160 -6.19 -18.07 27.84
N ASP A 161 -4.93 -18.47 27.84
CA ASP A 161 -4.47 -19.77 27.32
C ASP A 161 -4.62 -19.90 25.81
N PHE A 162 -5.00 -18.83 25.10
CA PHE A 162 -5.13 -18.86 23.63
C PHE A 162 -4.37 -17.69 23.02
N PRO A 163 -3.04 -17.80 22.95
CA PRO A 163 -2.22 -16.80 22.23
C PRO A 163 -2.29 -17.04 20.73
N ILE A 164 -3.43 -16.69 20.15
CA ILE A 164 -3.67 -16.87 18.72
C ILE A 164 -2.64 -16.08 17.92
N SER A 165 -2.29 -14.89 18.40
CA SER A 165 -1.34 -14.04 17.70
C SER A 165 -0.31 -13.53 18.69
N ASP A 166 0.97 -13.86 18.46
CA ASP A 166 2.03 -13.39 19.34
C ASP A 166 3.33 -13.18 18.57
N SER A 167 3.22 -12.91 17.29
CA SER A 167 4.35 -12.86 16.40
C SER A 167 5.04 -11.49 16.41
N TYR A 168 6.26 -11.50 15.89
CA TYR A 168 7.14 -10.35 15.83
C TYR A 168 7.29 -9.89 14.38
N THR A 169 7.76 -8.66 14.26
CA THR A 169 7.99 -8.04 12.95
C THR A 169 9.44 -7.57 12.96
N TYR A 170 10.27 -8.20 12.13
CA TYR A 170 11.69 -7.92 12.01
C TYR A 170 11.94 -7.15 10.72
N VAL A 171 12.66 -6.03 10.83
CA VAL A 171 12.91 -5.19 9.66
C VAL A 171 14.40 -4.90 9.57
N PHE A 172 14.97 -5.08 8.39
CA PHE A 172 16.30 -4.58 8.09
C PHE A 172 16.17 -3.28 7.33
N LEU A 173 16.97 -2.28 7.70
CA LEU A 173 16.94 -1.01 6.99
C LEU A 173 18.35 -0.43 6.99
N GLY A 174 18.60 0.46 6.03
CA GLY A 174 19.89 1.13 5.93
C GLY A 174 19.86 2.63 6.11
N ASP A 175 21.01 3.25 5.85
CA ASP A 175 21.09 4.70 6.00
C ASP A 175 20.12 5.40 5.08
N GLY A 176 19.93 4.87 3.88
CA GLY A 176 19.00 5.47 2.95
C GLY A 176 17.59 5.52 3.50
N CYS A 177 17.13 4.42 4.10
CA CYS A 177 15.80 4.43 4.66
C CYS A 177 15.69 5.43 5.79
N LEU A 178 16.76 5.57 6.59
CA LEU A 178 16.76 6.50 7.72
C LEU A 178 16.80 7.96 7.29
N MET A 179 17.26 8.22 6.07
CA MET A 179 17.24 9.59 5.54
C MET A 179 15.90 9.98 4.94
N GLU A 180 15.11 9.01 4.46
CA GLU A 180 13.82 9.31 3.85
C GLU A 180 12.83 9.71 4.93
N GLY A 181 12.14 10.83 4.70
CA GLY A 181 11.27 11.34 5.73
C GLY A 181 10.15 10.39 6.12
N VAL A 182 9.70 9.56 5.18
CA VAL A 182 8.61 8.65 5.48
C VAL A 182 8.97 7.76 6.68
N SER A 183 10.24 7.37 6.82
CA SER A 183 10.60 6.52 7.95
C SER A 183 10.57 7.28 9.27
N SER A 184 10.86 8.58 9.25
CA SER A 184 10.74 9.39 10.46
C SER A 184 9.29 9.45 10.90
N GLU A 185 8.39 9.72 9.97
CA GLU A 185 6.97 9.73 10.28
C GLU A 185 6.56 8.44 10.96
N ALA A 186 6.89 7.31 10.34
CA ALA A 186 6.43 6.03 10.85
C ALA A 186 7.11 5.65 12.14
N SER A 187 8.35 6.08 12.35
CA SER A 187 9.06 5.76 13.58
C SER A 187 8.55 6.60 14.73
N SER A 188 8.23 7.87 14.48
CA SER A 188 7.56 8.69 15.47
C SER A 188 6.26 8.04 15.91
N LEU A 189 5.42 7.65 14.95
CA LEU A 189 4.15 7.03 15.27
C LEU A 189 4.32 5.68 15.96
N ALA A 190 5.27 4.86 15.51
CA ALA A 190 5.46 3.54 16.11
C ALA A 190 5.90 3.66 17.56
N GLY A 191 6.75 4.65 17.85
CA GLY A 191 7.14 4.87 19.24
C GLY A 191 5.95 5.33 20.07
N HIS A 192 5.18 6.27 19.53
CA HIS A 192 3.97 6.69 20.22
C HIS A 192 3.04 5.50 20.51
N LEU A 193 2.91 4.58 19.56
CA LEU A 193 2.02 3.42 19.68
C LEU A 193 2.63 2.28 20.50
N GLN A 194 3.86 2.42 20.97
CA GLN A 194 4.47 1.49 21.91
C GLN A 194 4.49 0.08 21.36
N LEU A 195 4.84 -0.04 20.07
CA LEU A 195 4.75 -1.30 19.34
C LEU A 195 5.93 -2.21 19.67
N GLY A 196 5.78 -2.95 20.76
CA GLY A 196 6.87 -3.75 21.31
C GLY A 196 7.23 -4.97 20.54
N ASN A 197 6.42 -5.40 19.59
CA ASN A 197 6.78 -6.54 18.77
C ASN A 197 7.47 -6.16 17.47
N LEU A 198 7.76 -4.87 17.29
CA LEU A 198 8.57 -4.40 16.18
C LEU A 198 10.04 -4.35 16.60
N ILE A 199 10.88 -5.04 15.84
CA ILE A 199 12.32 -5.05 16.08
C ILE A 199 12.99 -4.74 14.75
N ALA A 200 13.61 -3.56 14.65
CA ALA A 200 14.26 -3.10 13.44
C ALA A 200 15.77 -3.10 13.64
N PHE A 201 16.49 -3.33 12.54
CA PHE A 201 17.94 -3.44 12.55
C PHE A 201 18.50 -2.45 11.54
N TRP A 202 19.26 -1.48 12.02
CA TRP A 202 19.94 -0.50 11.18
C TRP A 202 21.29 -1.06 10.75
N ASP A 203 21.46 -1.21 9.45
CA ASP A 203 22.77 -1.54 8.88
C ASP A 203 23.68 -0.32 8.94
N ASP A 204 24.39 -0.18 10.05
CA ASP A 204 25.21 1.01 10.30
C ASP A 204 26.59 0.78 9.68
N ASN A 205 26.69 1.01 8.37
CA ASN A 205 27.92 0.78 7.61
C ASN A 205 28.56 2.06 7.09
N LYS A 206 27.97 3.23 7.37
CA LYS A 206 28.57 4.53 7.11
C LYS A 206 28.86 4.79 5.64
N ILE A 207 28.12 4.12 4.77
CA ILE A 207 28.32 4.24 3.32
C ILE A 207 26.98 4.33 2.63
N SER A 208 26.85 5.27 1.70
CA SER A 208 25.71 5.29 0.79
C SER A 208 26.25 5.52 -0.62
N ILE A 209 25.38 5.79 -1.59
CA ILE A 209 25.86 5.85 -2.97
C ILE A 209 26.89 6.97 -3.15
N ASP A 210 26.67 8.11 -2.50
CA ASP A 210 27.56 9.26 -2.69
C ASP A 210 28.82 9.16 -1.86
N GLY A 211 29.01 8.07 -1.13
CA GLY A 211 30.23 7.83 -0.37
C GLY A 211 29.93 7.76 1.12
N SER A 212 30.86 8.29 1.90
CA SER A 212 30.71 8.25 3.34
C SER A 212 29.44 9.00 3.76
N THR A 213 28.79 8.49 4.80
CA THR A 213 27.67 9.23 5.36
C THR A 213 28.10 10.54 5.98
N GLU A 214 29.40 10.74 6.21
CA GLU A 214 29.86 12.02 6.70
C GLU A 214 29.52 13.17 5.76
N VAL A 215 29.26 12.91 4.49
CA VAL A 215 29.00 14.02 3.58
C VAL A 215 27.57 14.56 3.68
N ALA A 216 26.64 13.80 4.27
CA ALA A 216 25.24 14.25 4.26
C ALA A 216 24.40 13.72 5.41
N PHE A 217 24.93 12.85 6.28
CA PHE A 217 24.10 12.13 7.23
C PHE A 217 24.90 11.93 8.51
N THR A 218 24.98 12.99 9.30
CA THR A 218 25.84 13.06 10.47
C THR A 218 25.03 13.18 11.75
N GLU A 219 23.71 13.10 11.66
CA GLU A 219 22.84 13.16 12.81
C GLU A 219 23.11 11.99 13.75
N ASP A 220 22.70 12.16 15.00
CA ASP A 220 22.79 11.09 15.99
C ASP A 220 21.51 10.29 15.91
N VAL A 221 21.54 9.27 15.03
CA VAL A 221 20.39 8.41 14.77
C VAL A 221 19.87 7.81 16.06
N ILE A 222 20.77 7.31 16.90
CA ILE A 222 20.34 6.65 18.13
C ILE A 222 19.61 7.62 19.04
N ALA A 223 20.16 8.84 19.19
CA ALA A 223 19.48 9.84 19.99
C ALA A 223 18.10 10.18 19.41
N ARG A 224 17.99 10.24 18.09
CA ARG A 224 16.68 10.49 17.48
C ARG A 224 15.70 9.38 17.78
N TYR A 225 16.14 8.12 17.66
CA TYR A 225 15.23 7.03 17.96
C TYR A 225 14.82 7.00 19.43
N LYS A 226 15.72 7.37 20.34
CA LYS A 226 15.31 7.49 21.73
C LYS A 226 14.27 8.59 21.90
N SER A 227 14.37 9.67 21.11
CA SER A 227 13.40 10.75 21.21
C SER A 227 12.00 10.33 20.78
N TYR A 228 11.90 9.30 19.91
CA TYR A 228 10.62 8.74 19.49
C TYR A 228 10.07 7.76 20.50
N GLY A 229 10.85 7.39 21.50
CA GLY A 229 10.41 6.39 22.46
C GLY A 229 10.76 4.97 22.08
N TRP A 230 11.74 4.78 21.23
CA TRP A 230 12.24 3.45 20.92
C TRP A 230 13.28 2.99 21.94
N HIS A 231 13.34 1.69 22.12
CA HIS A 231 14.46 1.05 22.81
C HIS A 231 15.61 0.86 21.82
N ILE A 232 16.83 0.88 22.34
CA ILE A 232 18.04 0.74 21.53
C ILE A 232 18.86 -0.43 22.04
N VAL A 233 19.39 -1.22 21.11
CA VAL A 233 20.47 -2.16 21.41
C VAL A 233 21.56 -1.92 20.36
N GLU A 234 22.81 -1.80 20.81
CA GLU A 234 23.92 -1.58 19.90
C GLU A 234 24.80 -2.83 19.81
N VAL A 235 25.07 -3.26 18.60
CA VAL A 235 25.99 -4.38 18.34
C VAL A 235 27.22 -3.80 17.64
N SER A 236 28.34 -3.68 18.38
CA SER A 236 29.49 -2.97 17.83
C SER A 236 30.22 -3.74 16.74
N ASP A 237 30.16 -5.07 16.74
CA ASP A 237 30.81 -5.87 15.70
C ASP A 237 29.78 -6.83 15.10
N ALA A 238 28.91 -6.28 14.27
CA ALA A 238 27.91 -7.09 13.60
C ALA A 238 28.47 -7.80 12.38
N ASP A 239 29.74 -7.59 12.05
CA ASP A 239 30.37 -8.43 11.02
C ASP A 239 30.56 -9.86 11.48
N THR A 240 30.71 -10.09 12.80
CA THR A 240 30.98 -11.41 13.32
C THR A 240 30.14 -11.84 14.53
N ASP A 241 29.59 -10.91 15.31
CA ASP A 241 29.08 -11.23 16.65
C ASP A 241 27.61 -11.63 16.60
N ILE A 242 27.36 -12.82 16.03
CA ILE A 242 25.99 -13.32 15.96
C ILE A 242 25.44 -13.62 17.34
N THR A 243 26.30 -13.90 18.31
CA THR A 243 25.82 -14.08 19.67
C THR A 243 25.17 -12.80 20.18
N ALA A 244 25.82 -11.66 19.91
CA ALA A 244 25.26 -10.40 20.37
C ALA A 244 24.02 -10.03 19.58
N ILE A 245 23.93 -10.42 18.31
CA ILE A 245 22.72 -10.11 17.55
C ILE A 245 21.55 -10.90 18.11
N ALA A 246 21.77 -12.19 18.38
CA ALA A 246 20.71 -12.99 19.00
C ALA A 246 20.33 -12.43 20.37
N ALA A 247 21.32 -12.00 21.16
CA ALA A 247 21.01 -11.45 22.47
C ALA A 247 20.22 -10.15 22.35
N ALA A 248 20.50 -9.37 21.30
CA ALA A 248 19.77 -8.12 21.07
C ALA A 248 18.30 -8.40 20.82
N ILE A 249 18.02 -9.47 20.07
CA ILE A 249 16.64 -9.88 19.83
C ILE A 249 15.97 -10.29 21.15
N ASP A 250 16.66 -11.11 21.95
CA ASP A 250 16.12 -11.51 23.26
C ASP A 250 15.83 -10.28 24.11
N GLU A 251 16.76 -9.32 24.13
CA GLU A 251 16.55 -8.09 24.89
C GLU A 251 15.33 -7.34 24.38
N ALA A 252 15.25 -7.17 23.06
CA ALA A 252 14.12 -6.47 22.47
C ALA A 252 12.80 -7.10 22.87
N LYS A 253 12.75 -8.43 22.93
CA LYS A 253 11.50 -9.11 23.28
C LYS A 253 11.09 -8.88 24.73
N LYS A 254 12.03 -8.53 25.59
CA LYS A 254 11.70 -8.20 26.97
C LYS A 254 11.11 -6.81 27.12
N VAL A 255 11.31 -5.93 26.14
CA VAL A 255 10.82 -4.55 26.20
C VAL A 255 9.49 -4.53 25.45
N THR A 256 8.40 -4.76 26.17
CA THR A 256 7.14 -5.01 25.50
C THR A 256 6.38 -3.73 25.13
N ASN A 257 6.83 -2.56 25.57
CA ASN A 257 6.12 -1.32 25.33
C ASN A 257 6.93 -0.31 24.51
N LYS A 258 7.97 -0.77 23.82
CA LYS A 258 8.70 0.08 22.89
C LYS A 258 9.13 -0.74 21.69
N PRO A 259 9.03 -0.20 20.47
CA PRO A 259 9.75 -0.80 19.34
C PRO A 259 11.24 -0.64 19.59
N THR A 260 12.02 -1.58 19.06
CA THR A 260 13.46 -1.59 19.28
C THR A 260 14.20 -1.38 17.97
N LEU A 261 15.24 -0.53 18.03
CA LEU A 261 16.20 -0.38 16.95
C LEU A 261 17.51 -1.01 17.39
N VAL A 262 17.97 -1.99 16.64
CA VAL A 262 19.25 -2.64 16.87
C VAL A 262 20.24 -2.03 15.89
N ARG A 263 21.28 -1.38 16.41
CA ARG A 263 22.33 -0.79 15.60
C ARG A 263 23.33 -1.89 15.26
N LEU A 264 23.38 -2.29 14.01
CA LEU A 264 24.35 -3.29 13.54
C LEU A 264 25.50 -2.56 12.89
N THR A 265 26.62 -2.43 13.60
CA THR A 265 27.78 -1.80 13.01
C THR A 265 28.48 -2.83 12.14
N THR A 266 28.37 -2.65 10.83
CA THR A 266 28.92 -3.57 9.84
C THR A 266 29.90 -2.87 8.90
N THR A 267 30.60 -3.68 8.14
CA THR A 267 31.41 -3.23 7.02
C THR A 267 30.66 -3.57 5.73
N ILE A 268 30.31 -2.54 4.96
CA ILE A 268 29.66 -2.84 3.69
C ILE A 268 30.61 -3.69 2.84
N GLY A 269 30.07 -4.73 2.21
CA GLY A 269 30.90 -5.59 1.39
C GLY A 269 31.90 -6.41 2.17
N PHE A 270 31.65 -6.67 3.46
CA PHE A 270 32.58 -7.38 4.33
C PHE A 270 33.19 -8.57 3.62
N GLY A 271 34.52 -8.61 3.61
CA GLY A 271 35.30 -9.68 2.99
C GLY A 271 35.86 -9.32 1.63
N SER A 272 35.18 -8.47 0.89
CA SER A 272 35.63 -8.01 -0.42
C SER A 272 36.92 -7.21 -0.27
N LEU A 273 37.76 -7.27 -1.31
CA LEU A 273 38.90 -6.37 -1.39
C LEU A 273 38.43 -4.93 -1.31
N ALA A 274 37.20 -4.66 -1.78
CA ALA A 274 36.64 -3.31 -1.81
C ALA A 274 35.65 -3.08 -0.67
N GLN A 275 35.75 -3.85 0.39
CA GLN A 275 34.87 -3.63 1.52
C GLN A 275 35.03 -2.22 2.07
N GLY A 276 33.95 -1.69 2.64
CA GLY A 276 34.02 -0.37 3.24
C GLY A 276 34.05 0.78 2.27
N THR A 277 33.63 0.58 1.01
CA THR A 277 33.63 1.61 -0.01
C THR A 277 32.28 1.66 -0.71
N HIS A 278 31.96 2.83 -1.28
CA HIS A 278 30.72 2.93 -2.04
C HIS A 278 30.76 2.09 -3.31
N GLY A 279 31.94 1.72 -3.81
CA GLY A 279 32.01 0.91 -5.02
C GLY A 279 31.38 -0.47 -4.87
N VAL A 280 31.34 -1.00 -3.65
CA VAL A 280 30.74 -2.31 -3.40
C VAL A 280 29.24 -2.21 -3.18
N HIS A 281 28.67 -1.00 -3.12
CA HIS A 281 27.22 -0.86 -2.89
C HIS A 281 26.40 -1.51 -3.99
N GLY A 282 26.70 -1.18 -5.25
CA GLY A 282 25.72 -1.36 -6.32
C GLY A 282 26.22 -1.85 -7.65
N ALA A 283 27.37 -2.51 -7.66
CA ALA A 283 27.86 -3.14 -8.88
C ALA A 283 28.50 -4.48 -8.56
N PRO A 284 28.58 -5.38 -9.53
CA PRO A 284 29.18 -6.68 -9.29
C PRO A 284 30.63 -6.55 -8.88
N LEU A 285 31.05 -7.48 -8.02
CA LEU A 285 32.46 -7.56 -7.66
C LEU A 285 33.28 -8.06 -8.84
N LYS A 286 34.57 -7.76 -8.79
CA LYS A 286 35.50 -8.30 -9.76
C LYS A 286 35.70 -9.80 -9.54
N ALA A 287 35.97 -10.52 -10.64
CA ALA A 287 36.09 -11.97 -10.55
C ALA A 287 37.17 -12.41 -9.57
N ASP A 288 38.31 -11.72 -9.56
CA ASP A 288 39.38 -12.12 -8.64
C ASP A 288 39.01 -11.83 -7.20
N ASP A 289 38.17 -10.81 -6.97
CA ASP A 289 37.67 -10.55 -5.64
C ASP A 289 36.80 -11.69 -5.15
N ILE A 290 35.94 -12.20 -6.03
CA ILE A 290 35.11 -13.35 -5.66
C ILE A 290 35.97 -14.56 -5.34
N LYS A 291 37.04 -14.81 -6.12
CA LYS A 291 37.91 -15.93 -5.84
C LYS A 291 38.51 -15.86 -4.45
N GLN A 292 39.03 -14.69 -4.05
CA GLN A 292 39.64 -14.61 -2.73
C GLN A 292 38.60 -14.67 -1.61
N LEU A 293 37.38 -14.16 -1.85
CA LEU A 293 36.30 -14.39 -0.91
C LEU A 293 36.10 -15.87 -0.65
N LYS A 294 36.03 -16.66 -1.72
CA LYS A 294 35.80 -18.08 -1.57
C LYS A 294 36.94 -18.74 -0.82
N THR A 295 38.18 -18.45 -1.22
CA THR A 295 39.30 -19.15 -0.56
C THR A 295 39.44 -18.75 0.91
N LYS A 296 39.19 -17.48 1.24
CA LYS A 296 39.26 -17.01 2.61
C LYS A 296 38.27 -17.74 3.50
N TRP A 297 37.14 -18.13 2.94
CA TRP A 297 36.07 -18.73 3.71
C TRP A 297 35.98 -20.25 3.53
N GLY A 298 36.95 -20.84 2.83
CA GLY A 298 36.98 -22.28 2.73
C GLY A 298 36.18 -22.86 1.59
N PHE A 299 35.75 -22.04 0.66
CA PHE A 299 34.98 -22.48 -0.48
C PHE A 299 35.88 -22.63 -1.70
N ASN A 300 35.35 -23.29 -2.72
CA ASN A 300 36.11 -23.56 -3.94
C ASN A 300 35.98 -22.36 -4.86
N PRO A 301 37.08 -21.64 -5.16
CA PRO A 301 36.96 -20.45 -6.03
C PRO A 301 36.53 -20.77 -7.45
N GLU A 302 36.58 -22.03 -7.87
CA GLU A 302 36.10 -22.43 -9.18
C GLU A 302 34.61 -22.72 -9.20
N GLU A 303 33.93 -22.70 -8.05
CA GLU A 303 32.55 -23.12 -7.93
C GLU A 303 31.66 -21.91 -7.64
N SER A 304 30.51 -21.85 -8.27
CA SER A 304 29.49 -20.86 -7.94
C SER A 304 28.22 -21.53 -7.45
N PHE A 305 27.46 -20.78 -6.65
CA PHE A 305 26.18 -21.25 -6.10
C PHE A 305 26.33 -22.50 -5.24
N ALA A 306 27.42 -22.59 -4.47
CA ALA A 306 27.60 -23.73 -3.60
C ALA A 306 26.63 -23.67 -2.44
N VAL A 307 26.05 -24.81 -2.11
CA VAL A 307 25.23 -24.93 -0.91
C VAL A 307 25.70 -26.14 -0.11
N PRO A 308 26.56 -25.96 0.88
CA PRO A 308 27.04 -27.09 1.68
C PRO A 308 25.87 -27.78 2.35
N ALA A 309 25.86 -29.11 2.29
CA ALA A 309 24.75 -29.86 2.85
C ALA A 309 24.62 -29.68 4.35
N GLU A 310 25.70 -29.37 5.05
CA GLU A 310 25.54 -29.13 6.48
C GLU A 310 24.73 -27.86 6.73
N VAL A 311 24.77 -26.88 5.83
CA VAL A 311 23.96 -25.68 6.01
C VAL A 311 22.49 -26.00 5.78
N THR A 312 22.19 -26.68 4.69
CA THR A 312 20.84 -27.16 4.44
C THR A 312 20.30 -27.94 5.61
N ALA A 313 21.12 -28.85 6.16
CA ALA A 313 20.64 -29.68 7.27
C ALA A 313 20.29 -28.82 8.49
N SER A 314 21.18 -27.89 8.84
CA SER A 314 20.97 -27.01 9.99
C SER A 314 19.72 -26.16 9.81
N TYR A 315 19.54 -25.64 8.61
CA TYR A 315 18.37 -24.83 8.32
C TYR A 315 17.11 -25.68 8.34
N ASN A 316 17.17 -26.89 7.78
CA ASN A 316 16.03 -27.80 7.81
C ASN A 316 15.61 -28.14 9.23
N GLU A 317 16.57 -28.25 10.16
CA GLU A 317 16.21 -28.51 11.55
C GLU A 317 15.31 -27.39 12.06
N HIS A 318 15.67 -26.15 11.75
CA HIS A 318 14.89 -25.01 12.23
C HIS A 318 13.52 -24.97 11.58
N VAL A 319 13.45 -25.27 10.28
CA VAL A 319 12.16 -25.38 9.60
C VAL A 319 11.30 -26.45 10.26
N ALA A 320 11.88 -27.62 10.54
CA ALA A 320 11.11 -28.70 11.17
C ALA A 320 10.55 -28.28 12.53
N GLU A 321 11.36 -27.59 13.33
CA GLU A 321 10.86 -27.07 14.60
C GLU A 321 9.75 -26.07 14.37
N ASN A 322 9.92 -25.17 13.41
CA ASN A 322 8.89 -24.19 13.12
C ASN A 322 7.60 -24.84 12.66
N GLN A 323 7.70 -25.88 11.84
CA GLN A 323 6.51 -26.60 11.38
C GLN A 323 5.79 -27.29 12.52
N LYS A 324 6.53 -27.76 13.53
CA LYS A 324 5.87 -28.32 14.70
C LYS A 324 5.19 -27.21 15.50
N ILE A 325 5.78 -26.03 15.54
CA ILE A 325 5.13 -24.90 16.18
C ILE A 325 3.83 -24.55 15.46
N GLN A 326 3.84 -24.54 14.12
CA GLN A 326 2.61 -24.23 13.40
C GLN A 326 1.55 -25.31 13.61
N GLN A 327 1.99 -26.58 13.63
CA GLN A 327 1.08 -27.70 13.88
C GLN A 327 0.39 -27.53 15.22
N GLN A 328 1.14 -27.14 16.24
CA GLN A 328 0.55 -26.87 17.55
C GLN A 328 -0.37 -25.66 17.50
N TRP A 329 0.02 -24.62 16.76
CA TRP A 329 -0.86 -23.47 16.55
C TRP A 329 -2.19 -23.90 15.91
N ASN A 330 -2.15 -24.79 14.92
CA ASN A 330 -3.40 -25.26 14.31
C ASN A 330 -4.28 -25.94 15.34
N GLU A 331 -3.69 -26.72 16.25
CA GLU A 331 -4.50 -27.36 17.29
C GLU A 331 -5.03 -26.35 18.30
N LEU A 332 -4.21 -25.34 18.62
CA LEU A 332 -4.67 -24.25 19.47
C LEU A 332 -5.87 -23.55 18.84
N PHE A 333 -5.80 -23.29 17.54
CA PHE A 333 -6.91 -22.67 16.83
C PHE A 333 -8.16 -23.54 16.87
N ALA A 334 -8.01 -24.86 16.68
CA ALA A 334 -9.16 -25.75 16.76
C ALA A 334 -9.77 -25.69 18.14
N ALA A 335 -8.94 -25.68 19.19
CA ALA A 335 -9.46 -25.60 20.55
C ALA A 335 -10.09 -24.25 20.82
N TYR A 336 -9.54 -23.20 20.21
CA TYR A 336 -10.11 -21.87 20.33
C TYR A 336 -11.53 -21.85 19.77
N LYS A 337 -11.75 -22.48 18.62
CA LYS A 337 -13.08 -22.49 18.03
C LYS A 337 -14.06 -23.26 18.89
N GLN A 338 -13.59 -24.22 19.66
CA GLN A 338 -14.48 -24.90 20.59
C GLN A 338 -14.84 -24.03 21.77
N LYS A 339 -13.85 -23.34 22.35
CA LYS A 339 -14.06 -22.57 23.56
C LYS A 339 -14.73 -21.24 23.29
N TYR A 340 -14.48 -20.65 22.11
CA TYR A 340 -14.97 -19.33 21.75
C TYR A 340 -15.58 -19.45 20.35
N PRO A 341 -16.75 -20.05 20.25
CA PRO A 341 -17.27 -20.41 18.93
C PRO A 341 -17.52 -19.21 18.02
N GLU A 342 -17.98 -18.09 18.57
CA GLU A 342 -18.29 -16.93 17.74
C GLU A 342 -17.01 -16.29 17.21
N LEU A 343 -16.07 -16.02 18.10
CA LEU A 343 -14.80 -15.44 17.64
C LEU A 343 -14.07 -16.42 16.73
N GLY A 344 -14.14 -17.71 17.05
CA GLY A 344 -13.47 -18.70 16.23
C GLY A 344 -14.00 -18.73 14.81
N ALA A 345 -15.33 -18.64 14.65
CA ALA A 345 -15.90 -18.63 13.31
C ALA A 345 -15.52 -17.36 12.56
N GLU A 346 -15.51 -16.23 13.26
CA GLU A 346 -15.10 -14.97 12.64
C GLU A 346 -13.66 -15.06 12.16
N LEU A 347 -12.78 -15.61 12.99
CA LEU A 347 -11.38 -15.72 12.63
C LEU A 347 -11.21 -16.64 11.43
N GLN A 348 -11.91 -17.80 11.44
CA GLN A 348 -11.84 -18.72 10.32
C GLN A 348 -12.24 -18.04 9.01
N ARG A 349 -13.37 -17.34 9.04
CA ARG A 349 -13.86 -16.61 7.88
C ARG A 349 -12.79 -15.66 7.36
N ARG A 350 -12.17 -14.91 8.27
CA ARG A 350 -11.16 -13.94 7.86
C ARG A 350 -9.95 -14.63 7.25
N LEU A 351 -9.51 -15.75 7.85
CA LEU A 351 -8.36 -16.47 7.31
C LEU A 351 -8.69 -17.15 6.00
N ASP A 352 -9.97 -17.40 5.73
CA ASP A 352 -10.39 -17.91 4.42
C ASP A 352 -10.56 -16.79 3.40
N GLY A 353 -10.38 -15.53 3.80
CA GLY A 353 -10.43 -14.41 2.86
C GLY A 353 -11.82 -14.00 2.46
N LYS A 354 -12.82 -14.30 3.28
CA LYS A 354 -14.22 -14.07 2.96
C LYS A 354 -14.77 -12.99 3.89
N LEU A 355 -15.50 -12.04 3.30
CA LEU A 355 -16.21 -11.06 4.09
C LEU A 355 -17.45 -11.68 4.71
N PRO A 356 -18.02 -11.04 5.73
CA PRO A 356 -19.26 -11.58 6.32
C PRO A 356 -20.35 -11.70 5.28
N GLU A 357 -21.15 -12.74 5.47
CA GLU A 357 -22.21 -13.05 4.54
C GLU A 357 -23.20 -11.89 4.50
N ASN A 358 -23.47 -11.38 3.30
CA ASN A 358 -24.44 -10.27 3.09
C ASN A 358 -24.05 -8.99 3.85
N TRP A 359 -22.76 -8.79 4.10
CA TRP A 359 -22.37 -7.58 4.81
C TRP A 359 -22.88 -6.33 4.07
N ASP A 360 -22.96 -6.41 2.74
CA ASP A 360 -23.30 -5.24 1.94
C ASP A 360 -24.75 -4.81 2.11
N LYS A 361 -25.58 -5.62 2.77
CA LYS A 361 -26.92 -5.15 3.11
C LYS A 361 -26.88 -3.98 4.07
N ALA A 362 -25.75 -3.74 4.73
CA ALA A 362 -25.60 -2.57 5.57
C ALA A 362 -25.32 -1.29 4.78
N LEU A 363 -24.98 -1.40 3.50
CA LEU A 363 -24.66 -0.20 2.74
C LEU A 363 -25.87 0.71 2.65
N PRO A 364 -25.75 1.99 2.94
CA PRO A 364 -26.88 2.92 2.80
C PRO A 364 -27.31 3.07 1.36
N VAL A 365 -28.62 3.23 1.18
CA VAL A 365 -29.25 3.43 -0.12
C VAL A 365 -30.09 4.70 -0.04
N TYR A 366 -30.10 5.48 -1.12
CA TYR A 366 -30.77 6.77 -1.19
C TYR A 366 -31.71 6.79 -2.39
N THR A 367 -32.65 7.74 -2.34
CA THR A 367 -33.50 8.00 -3.49
C THR A 367 -33.39 9.47 -3.87
N PRO A 368 -33.92 9.86 -5.03
CA PRO A 368 -33.86 11.26 -5.42
C PRO A 368 -34.68 12.19 -4.52
N ALA A 369 -35.52 11.64 -3.65
CA ALA A 369 -36.25 12.46 -2.70
C ALA A 369 -35.45 12.81 -1.46
N ASP A 370 -34.30 12.18 -1.25
CA ASP A 370 -33.48 12.47 -0.09
C ASP A 370 -32.69 13.76 -0.28
N ALA A 371 -32.26 14.33 0.85
CA ALA A 371 -31.57 15.61 0.84
C ALA A 371 -30.18 15.51 0.22
N ALA A 372 -29.69 16.66 -0.23
CA ALA A 372 -28.31 16.78 -0.69
C ALA A 372 -27.37 16.56 0.48
N VAL A 373 -26.23 15.93 0.19
CA VAL A 373 -25.23 15.56 1.19
C VAL A 373 -23.87 15.58 0.52
N ALA A 374 -22.83 16.07 1.22
CA ALA A 374 -21.49 16.00 0.69
C ALA A 374 -21.04 14.56 0.68
N THR A 375 -20.23 14.19 -0.30
CA THR A 375 -19.82 12.79 -0.31
C THR A 375 -18.85 12.46 0.84
N ARG A 376 -18.16 13.43 1.44
CA ARG A 376 -17.45 13.12 2.68
C ARG A 376 -18.42 12.67 3.78
N LYS A 377 -19.60 13.29 3.86
CA LYS A 377 -20.57 12.94 4.89
C LYS A 377 -21.24 11.62 4.55
N LEU A 378 -21.51 11.38 3.27
CA LEU A 378 -22.00 10.07 2.87
C LEU A 378 -21.01 8.98 3.25
N SER A 379 -19.72 9.26 3.08
CA SER A 379 -18.67 8.34 3.46
C SER A 379 -18.70 8.04 4.95
N GLU A 380 -18.82 9.08 5.79
CA GLU A 380 -19.00 8.87 7.22
C GLU A 380 -20.15 7.93 7.50
N ILE A 381 -21.29 8.15 6.84
CA ILE A 381 -22.46 7.32 7.10
C ILE A 381 -22.18 5.87 6.68
N VAL A 382 -21.58 5.67 5.50
CA VAL A 382 -21.22 4.30 5.11
C VAL A 382 -20.37 3.65 6.19
N LEU A 383 -19.28 4.32 6.56
CA LEU A 383 -18.39 3.74 7.56
C LEU A 383 -19.16 3.41 8.83
N SER A 384 -20.07 4.28 9.26
CA SER A 384 -20.81 4.04 10.48
C SER A 384 -21.69 2.81 10.40
N LYS A 385 -22.15 2.45 9.19
CA LYS A 385 -22.98 1.26 9.02
C LYS A 385 -22.15 0.00 8.83
N ILE A 386 -20.98 0.09 8.20
CA ILE A 386 -20.27 -1.12 7.82
C ILE A 386 -19.22 -1.53 8.84
N ILE A 387 -18.64 -0.57 9.54
CA ILE A 387 -17.69 -0.91 10.59
C ILE A 387 -18.26 -1.88 11.61
N PRO A 388 -19.48 -1.71 12.11
CA PRO A 388 -20.03 -2.70 13.05
C PRO A 388 -20.27 -4.06 12.42
N GLU A 389 -20.43 -4.13 11.12
CA GLU A 389 -20.72 -5.37 10.42
C GLU A 389 -19.48 -6.12 9.97
N VAL A 390 -18.33 -5.44 9.85
CA VAL A 390 -17.15 -6.06 9.22
C VAL A 390 -15.97 -5.78 10.13
N PRO A 391 -15.63 -6.69 11.05
CA PRO A 391 -14.61 -6.38 12.05
C PRO A 391 -13.25 -6.13 11.47
N GLU A 392 -12.95 -6.68 10.29
CA GLU A 392 -11.63 -6.51 9.68
C GLU A 392 -11.45 -5.15 9.04
N ILE A 393 -12.44 -4.26 9.11
CA ILE A 393 -12.23 -2.86 8.74
C ILE A 393 -11.64 -2.10 9.92
N ILE A 394 -10.45 -1.51 9.69
CA ILE A 394 -9.87 -0.51 10.57
C ILE A 394 -9.36 0.61 9.67
N GLY A 395 -9.15 1.78 10.26
CA GLY A 395 -8.62 2.87 9.46
C GLY A 395 -8.36 4.08 10.32
N GLY A 396 -8.00 5.17 9.65
CA GLY A 396 -7.73 6.37 10.38
C GLY A 396 -7.64 7.57 9.45
N SER A 397 -7.07 8.64 9.98
CA SER A 397 -6.88 9.87 9.22
C SER A 397 -5.58 10.53 9.66
N ALA A 398 -4.99 11.23 8.70
CA ALA A 398 -3.76 11.99 8.92
C ALA A 398 -4.09 13.39 9.48
N ASP A 399 -4.57 13.39 10.71
CA ASP A 399 -4.91 14.61 11.45
C ASP A 399 -6.05 15.39 10.78
N LEU A 400 -6.97 14.69 10.11
CA LEU A 400 -8.13 15.35 9.50
C LEU A 400 -9.43 14.65 9.86
N THR A 401 -9.49 14.01 11.02
CA THR A 401 -10.67 13.23 11.37
C THR A 401 -11.95 14.05 11.30
N PRO A 402 -12.03 15.27 11.85
CA PRO A 402 -13.30 16.01 11.81
C PRO A 402 -13.59 16.67 10.48
N SER A 403 -12.67 16.59 9.52
CA SER A 403 -12.86 17.12 8.17
C SER A 403 -13.09 16.03 7.14
N ASN A 404 -12.34 14.92 7.24
CA ASN A 404 -12.56 13.77 6.37
C ASN A 404 -13.80 13.00 6.80
N LEU A 405 -14.16 13.08 8.08
CA LEU A 405 -15.30 12.35 8.67
C LEU A 405 -15.11 10.83 8.62
N THR A 406 -13.93 10.39 9.07
CA THR A 406 -13.51 9.00 8.90
C THR A 406 -13.72 8.13 10.13
N LYS A 407 -14.17 8.67 11.25
CA LYS A 407 -14.36 7.90 12.46
C LYS A 407 -15.84 7.65 12.71
N ALA A 408 -16.19 6.39 12.92
CA ALA A 408 -17.57 6.06 13.30
C ALA A 408 -17.77 6.37 14.77
N LYS A 409 -18.85 7.10 15.07
CA LYS A 409 -19.13 7.46 16.45
C LYS A 409 -19.20 6.21 17.31
N GLY A 410 -18.61 6.28 18.50
CA GLY A 410 -18.65 5.17 19.41
C GLY A 410 -17.51 4.19 19.29
N THR A 411 -16.68 4.31 18.27
CA THR A 411 -15.54 3.42 18.22
C THR A 411 -14.40 3.98 19.04
N VAL A 412 -13.44 3.11 19.35
CA VAL A 412 -12.31 3.44 20.20
C VAL A 412 -11.07 3.50 19.34
N ASP A 413 -10.17 4.43 19.67
CA ASP A 413 -8.96 4.58 18.89
C ASP A 413 -7.99 3.45 19.23
N PHE A 414 -7.23 3.05 18.23
CA PHE A 414 -6.05 2.22 18.39
C PHE A 414 -4.95 3.00 19.09
N GLN A 415 -4.72 2.68 20.35
CA GLN A 415 -3.67 3.27 21.17
C GLN A 415 -3.23 2.22 22.17
N PRO A 416 -2.00 2.29 22.66
CA PRO A 416 -1.66 1.48 23.84
C PRO A 416 -2.52 1.87 25.03
N ALA A 417 -3.08 0.86 25.69
CA ALA A 417 -3.96 1.13 26.82
C ALA A 417 -3.26 1.97 27.87
N ALA A 418 -1.94 1.83 27.99
CA ALA A 418 -1.21 2.60 29.00
C ALA A 418 -1.40 4.08 28.85
N THR A 419 -1.78 4.58 27.65
CA THR A 419 -1.96 6.00 27.47
C THR A 419 -3.29 6.49 27.99
N GLY A 420 -4.25 5.58 28.17
CA GLY A 420 -5.61 5.97 28.49
C GLY A 420 -6.41 6.52 27.34
N LEU A 421 -5.88 6.54 26.13
CA LEU A 421 -6.50 7.20 24.99
C LEU A 421 -7.15 6.25 24.01
N GLY A 422 -7.02 4.95 24.25
CA GLY A 422 -7.56 3.93 23.38
C GLY A 422 -7.09 2.57 23.85
N ASP A 423 -7.16 1.61 22.96
CA ASP A 423 -6.70 0.26 23.25
C ASP A 423 -6.22 -0.35 21.95
N TYR A 424 -5.37 -1.39 22.05
CA TYR A 424 -4.97 -2.07 20.84
C TYR A 424 -6.14 -2.77 20.14
N SER A 425 -7.24 -3.03 20.85
CA SER A 425 -8.44 -3.54 20.16
C SER A 425 -9.20 -2.46 19.41
N GLY A 426 -8.78 -1.20 19.54
CA GLY A 426 -9.45 -0.11 18.85
C GLY A 426 -9.36 -0.25 17.35
N ARG A 427 -10.19 0.52 16.69
CA ARG A 427 -10.34 0.41 15.26
C ARG A 427 -10.05 1.69 14.50
N TYR A 428 -9.69 2.77 15.19
CA TYR A 428 -9.49 4.08 14.57
C TYR A 428 -8.09 4.56 14.89
N ILE A 429 -7.30 4.85 13.86
CA ILE A 429 -5.90 5.21 14.00
C ILE A 429 -5.70 6.72 13.82
N ARG A 430 -5.07 7.36 14.81
CA ARG A 430 -4.69 8.76 14.73
C ARG A 430 -3.30 8.78 14.10
N TYR A 431 -3.23 8.97 12.78
CA TYR A 431 -1.93 8.96 12.10
C TYR A 431 -1.14 10.23 12.30
N GLY A 432 -1.76 11.33 12.73
CA GLY A 432 -1.07 12.60 12.75
C GLY A 432 -0.82 13.05 11.32
N VAL A 433 -0.05 14.14 11.18
CA VAL A 433 0.13 14.76 9.87
C VAL A 433 1.24 14.04 9.12
N ARG A 434 0.92 12.82 8.66
CA ARG A 434 1.91 11.85 8.21
C ARG A 434 1.34 11.04 7.05
N GLU A 435 1.02 11.71 5.93
CA GLU A 435 0.31 11.00 4.86
C GLU A 435 1.16 9.90 4.25
N HIS A 436 2.44 10.17 4.02
CA HIS A 436 3.26 9.18 3.37
C HIS A 436 3.38 7.91 4.22
N ALA A 437 3.71 8.07 5.51
CA ALA A 437 3.78 6.92 6.39
C ALA A 437 2.42 6.25 6.52
N MET A 438 1.35 7.02 6.56
CA MET A 438 0.02 6.41 6.60
C MET A 438 -0.17 5.49 5.40
N GLY A 439 0.21 5.97 4.21
CA GLY A 439 0.12 5.12 3.02
C GLY A 439 0.91 3.83 3.13
N ALA A 440 2.15 3.91 3.61
CA ALA A 440 2.99 2.71 3.71
C ALA A 440 2.56 1.81 4.87
N ILE A 441 2.06 2.39 5.96
CA ILE A 441 1.52 1.63 7.07
C ILE A 441 0.27 0.87 6.62
N MET A 442 -0.60 1.52 5.85
CA MET A 442 -1.76 0.84 5.29
C MET A 442 -1.32 -0.39 4.48
N ASN A 443 -0.23 -0.25 3.70
CA ASN A 443 0.29 -1.39 2.95
C ASN A 443 0.70 -2.50 3.89
N GLY A 444 1.35 -2.17 5.01
CA GLY A 444 1.74 -3.19 5.97
C GLY A 444 0.55 -3.86 6.63
N ILE A 445 -0.49 -3.09 6.95
CA ILE A 445 -1.70 -3.68 7.53
C ILE A 445 -2.30 -4.66 6.56
N ALA A 446 -2.37 -4.28 5.28
CA ALA A 446 -2.90 -5.20 4.27
C ALA A 446 -2.02 -6.42 4.16
N ALA A 447 -0.70 -6.22 4.22
CA ALA A 447 0.23 -7.33 4.09
C ALA A 447 0.13 -8.31 5.25
N PHE A 448 -0.28 -7.84 6.44
CA PHE A 448 -0.46 -8.75 7.56
C PHE A 448 -1.39 -9.88 7.16
N GLY A 449 -2.45 -9.56 6.42
CA GLY A 449 -3.42 -10.54 5.99
C GLY A 449 -4.66 -10.51 6.85
N ALA A 450 -5.23 -11.69 7.11
CA ALA A 450 -6.42 -11.83 7.92
C ALA A 450 -7.57 -10.98 7.40
N ASN A 451 -7.59 -10.77 6.09
CA ASN A 451 -8.67 -10.04 5.42
C ASN A 451 -8.77 -8.57 5.84
N TYR A 452 -7.73 -7.97 6.44
CA TYR A 452 -7.84 -6.57 6.82
C TYR A 452 -8.16 -5.70 5.62
N LYS A 453 -9.19 -4.87 5.78
CA LYS A 453 -9.62 -3.88 4.79
C LYS A 453 -9.44 -2.53 5.47
N ASN A 454 -8.32 -1.88 5.20
CA ASN A 454 -7.96 -0.70 5.97
C ASN A 454 -7.90 0.55 5.11
N TYR A 455 -8.16 1.68 5.76
CA TYR A 455 -8.34 2.95 5.07
C TYR A 455 -7.62 4.07 5.79
N GLY A 456 -7.41 5.14 5.03
CA GLY A 456 -6.70 6.31 5.51
C GLY A 456 -7.22 7.58 4.90
N GLY A 457 -7.56 8.56 5.74
CA GLY A 457 -8.15 9.80 5.28
C GLY A 457 -7.15 10.95 5.22
N THR A 458 -7.26 11.73 4.15
CA THR A 458 -6.63 13.04 4.06
C THR A 458 -7.37 13.81 2.97
N PHE A 459 -6.94 15.04 2.72
CA PHE A 459 -7.45 15.75 1.57
C PHE A 459 -6.82 15.16 0.31
N LEU A 460 -7.62 15.08 -0.74
CA LEU A 460 -7.12 14.52 -1.99
C LEU A 460 -5.81 15.14 -2.41
N ASN A 461 -5.66 16.46 -2.28
CA ASN A 461 -4.45 17.10 -2.76
C ASN A 461 -3.22 16.62 -2.00
N PHE A 462 -3.39 16.14 -0.77
CA PHE A 462 -2.24 15.67 0.00
C PHE A 462 -2.04 14.16 -0.04
N VAL A 463 -2.91 13.43 -0.74
CA VAL A 463 -2.55 12.06 -1.10
C VAL A 463 -1.23 12.09 -1.86
N SER A 464 -0.97 13.18 -2.58
CA SER A 464 0.24 13.32 -3.36
C SER A 464 1.51 13.24 -2.52
N TYR A 465 1.44 13.66 -1.25
CA TYR A 465 2.58 13.52 -0.35
C TYR A 465 2.97 12.07 -0.16
N ALA A 466 2.05 11.15 -0.42
CA ALA A 466 2.23 9.73 -0.17
C ALA A 466 2.40 8.93 -1.45
N ALA A 467 2.65 9.61 -2.57
CA ALA A 467 2.76 8.92 -3.86
C ALA A 467 3.73 7.74 -3.82
N GLY A 468 4.84 7.85 -3.10
CA GLY A 468 5.79 6.74 -3.04
C GLY A 468 5.13 5.45 -2.57
N ALA A 469 4.28 5.55 -1.54
CA ALA A 469 3.56 4.40 -1.03
C ALA A 469 2.36 4.00 -1.87
N VAL A 470 1.61 4.98 -2.38
CA VAL A 470 0.42 4.67 -3.18
C VAL A 470 0.81 3.83 -4.39
N ARG A 471 1.89 4.21 -5.06
CA ARG A 471 2.33 3.46 -6.22
C ARG A 471 2.62 2.01 -5.84
N LEU A 472 3.20 1.81 -4.66
CA LEU A 472 3.50 0.46 -4.19
C LEU A 472 2.25 -0.30 -3.80
N SER A 473 1.20 0.40 -3.34
CA SER A 473 -0.08 -0.29 -3.12
C SER A 473 -0.55 -0.93 -4.42
N ALA A 474 -0.42 -0.21 -5.51
CA ALA A 474 -0.84 -0.72 -6.82
C ALA A 474 0.05 -1.86 -7.30
N LEU A 475 1.37 -1.66 -7.22
CA LEU A 475 2.29 -2.69 -7.69
C LEU A 475 2.22 -3.94 -6.81
N SER A 476 1.95 -3.76 -5.51
CA SER A 476 1.88 -4.88 -4.56
C SER A 476 0.52 -5.53 -4.54
N GLU A 477 -0.46 -4.93 -5.20
CA GLU A 477 -1.81 -5.45 -5.28
C GLU A 477 -2.49 -5.53 -3.91
N PHE A 478 -2.37 -4.43 -3.12
CA PHE A 478 -2.95 -4.43 -1.78
C PHE A 478 -4.27 -3.67 -1.79
N PRO A 479 -5.34 -4.23 -1.18
CA PRO A 479 -6.66 -3.59 -1.12
C PRO A 479 -6.75 -2.61 0.05
N ILE A 480 -6.01 -1.52 -0.11
CA ILE A 480 -6.07 -0.39 0.80
C ILE A 480 -6.96 0.68 0.20
N THR A 481 -7.44 1.58 1.05
CA THR A 481 -8.39 2.63 0.62
C THR A 481 -8.02 3.99 1.18
N TRP A 482 -7.88 4.97 0.30
CA TRP A 482 -7.72 6.37 0.68
C TRP A 482 -9.08 7.03 0.67
N VAL A 483 -9.43 7.66 1.79
CA VAL A 483 -10.65 8.45 1.94
C VAL A 483 -10.19 9.88 1.72
N ALA A 484 -10.31 10.35 0.48
CA ALA A 484 -9.61 11.54 0.00
C ALA A 484 -10.63 12.64 -0.23
N THR A 485 -10.88 13.43 0.80
CA THR A 485 -11.94 14.42 0.75
C THR A 485 -11.44 15.74 0.20
N HIS A 486 -12.34 16.71 0.10
CA HIS A 486 -11.99 18.04 -0.39
C HIS A 486 -11.36 17.94 -1.79
N ASP A 487 -12.09 17.31 -2.69
CA ASP A 487 -11.52 16.79 -3.93
C ASP A 487 -11.22 17.85 -4.99
N SER A 488 -11.70 19.08 -4.86
CA SER A 488 -11.63 20.00 -5.99
C SER A 488 -11.75 21.44 -5.52
N ILE A 489 -11.79 22.37 -6.48
CA ILE A 489 -12.16 23.77 -6.21
C ILE A 489 -13.42 23.92 -5.38
N GLY A 490 -14.27 22.90 -5.36
CA GLY A 490 -15.44 22.91 -4.49
C GLY A 490 -15.15 23.08 -3.01
N LEU A 491 -13.90 22.86 -2.58
CA LEU A 491 -13.57 23.16 -1.20
C LEU A 491 -13.50 24.67 -0.91
N GLY A 492 -13.33 25.51 -1.93
CA GLY A 492 -13.42 26.93 -1.70
C GLY A 492 -12.17 27.62 -1.16
N GLU A 493 -12.38 28.26 0.00
CA GLU A 493 -11.49 29.34 0.45
C GLU A 493 -10.03 28.92 0.69
N ASP A 494 -9.78 27.67 1.06
CA ASP A 494 -8.38 27.29 1.30
C ASP A 494 -7.50 27.55 0.08
N GLY A 495 -8.05 27.54 -1.12
CA GLY A 495 -7.34 28.01 -2.30
C GLY A 495 -6.45 27.00 -2.99
N PRO A 496 -5.62 27.49 -3.90
CA PRO A 496 -4.98 26.60 -4.89
C PRO A 496 -3.94 25.65 -4.31
N THR A 497 -3.39 25.95 -3.14
CA THR A 497 -2.47 25.03 -2.50
C THR A 497 -3.17 23.79 -1.98
N HIS A 498 -4.50 23.82 -1.92
CA HIS A 498 -5.30 22.71 -1.44
C HIS A 498 -6.16 22.06 -2.51
N GLN A 499 -6.29 22.67 -3.67
CA GLN A 499 -7.26 22.24 -4.67
C GLN A 499 -6.60 21.33 -5.70
N PRO A 500 -7.00 20.06 -5.78
CA PRO A 500 -6.44 19.16 -6.79
C PRO A 500 -6.71 19.62 -8.22
N ILE A 501 -5.71 19.42 -9.07
CA ILE A 501 -5.82 19.62 -10.51
C ILE A 501 -5.31 18.38 -11.23
N GLU A 502 -4.09 17.95 -10.89
CA GLU A 502 -3.36 16.88 -11.54
C GLU A 502 -3.58 15.52 -10.87
N THR A 503 -4.21 15.53 -9.71
CA THR A 503 -4.13 14.40 -8.79
C THR A 503 -4.82 13.14 -9.33
N LEU A 504 -6.04 13.28 -9.83
CA LEU A 504 -6.72 12.09 -10.35
C LEU A 504 -6.02 11.57 -11.59
N ALA A 505 -5.53 12.45 -12.45
CA ALA A 505 -4.80 11.99 -13.63
C ALA A 505 -3.58 11.18 -13.23
N HIS A 506 -2.84 11.65 -12.21
CA HIS A 506 -1.67 10.93 -11.72
C HIS A 506 -2.02 9.50 -11.33
N PHE A 507 -3.03 9.34 -10.49
CA PHE A 507 -3.35 8.02 -9.97
C PHE A 507 -4.10 7.16 -10.97
N ARG A 508 -4.93 7.77 -11.82
CA ARG A 508 -5.57 7.00 -12.89
C ARG A 508 -4.56 6.49 -13.90
N ALA A 509 -3.45 7.20 -14.10
CA ALA A 509 -2.39 6.79 -15.01
C ALA A 509 -1.49 5.74 -14.40
N THR A 510 -1.62 5.50 -13.12
CA THR A 510 -0.86 4.45 -12.47
C THR A 510 -1.62 3.15 -12.65
N PRO A 511 -0.98 2.08 -13.11
CA PRO A 511 -1.70 0.82 -13.26
C PRO A 511 -2.30 0.37 -11.94
N ASN A 512 -3.49 -0.25 -12.01
CA ASN A 512 -4.10 -0.94 -10.87
C ASN A 512 -4.45 -0.03 -9.70
N ILE A 513 -5.01 1.16 -9.97
CA ILE A 513 -5.62 1.97 -8.92
C ILE A 513 -7.04 2.28 -9.34
N SER A 514 -8.01 1.88 -8.52
CA SER A 514 -9.40 2.29 -8.70
C SER A 514 -9.56 3.67 -8.10
N VAL A 515 -10.00 4.63 -8.90
CA VAL A 515 -10.10 6.01 -8.44
C VAL A 515 -11.57 6.38 -8.54
N TRP A 516 -12.30 6.22 -7.43
CA TRP A 516 -13.73 6.43 -7.39
C TRP A 516 -13.99 7.88 -7.07
N ARG A 517 -14.90 8.51 -7.80
CA ARG A 517 -15.29 9.89 -7.54
C ARG A 517 -16.81 9.91 -7.54
N PRO A 518 -17.43 9.42 -6.47
CA PRO A 518 -18.88 9.19 -6.49
C PRO A 518 -19.64 10.50 -6.53
N ALA A 519 -20.75 10.49 -7.24
CA ALA A 519 -21.56 11.70 -7.38
C ALA A 519 -22.60 11.89 -6.28
N ASP A 520 -23.01 10.82 -5.58
CA ASP A 520 -24.13 10.95 -4.67
C ASP A 520 -24.12 9.77 -3.70
N GLY A 521 -25.21 9.61 -2.96
CA GLY A 521 -25.26 8.58 -1.93
C GLY A 521 -25.12 7.19 -2.49
N ASN A 522 -25.87 6.87 -3.54
CA ASN A 522 -25.78 5.52 -4.06
C ASN A 522 -24.40 5.23 -4.62
N GLU A 523 -23.80 6.20 -5.32
CA GLU A 523 -22.47 5.98 -5.87
C GLU A 523 -21.43 5.80 -4.78
N THR A 524 -21.60 6.50 -3.64
CA THR A 524 -20.64 6.40 -2.56
C THR A 524 -20.70 5.00 -1.96
N SER A 525 -21.92 4.45 -1.86
CA SER A 525 -22.04 3.06 -1.38
C SER A 525 -21.41 2.09 -2.36
N ALA A 526 -21.58 2.30 -3.67
CA ALA A 526 -20.90 1.44 -4.64
C ALA A 526 -19.39 1.53 -4.51
N ALA A 527 -18.87 2.73 -4.29
CA ALA A 527 -17.43 2.90 -4.16
C ALA A 527 -16.90 2.11 -2.98
N TYR A 528 -17.60 2.17 -1.85
CA TYR A 528 -17.20 1.40 -0.69
C TYR A 528 -17.37 -0.09 -0.92
N LYS A 529 -18.44 -0.51 -1.59
CA LYS A 529 -18.58 -1.92 -1.89
C LYS A 529 -17.37 -2.44 -2.65
N SER A 530 -16.91 -1.68 -3.63
CA SER A 530 -15.72 -2.04 -4.40
C SER A 530 -14.49 -2.05 -3.51
N ALA A 531 -14.32 -1.00 -2.70
CA ALA A 531 -13.09 -0.88 -1.91
C ALA A 531 -12.94 -2.01 -0.89
N ILE A 532 -14.04 -2.38 -0.26
CA ILE A 532 -14.03 -3.39 0.80
C ILE A 532 -13.96 -4.80 0.20
N GLU A 533 -14.64 -5.04 -0.93
CA GLU A 533 -14.53 -6.33 -1.60
C GLU A 533 -13.19 -6.55 -2.28
N SER A 534 -12.42 -5.49 -2.52
CA SER A 534 -11.17 -5.62 -3.23
C SER A 534 -10.25 -6.58 -2.53
N THR A 535 -9.55 -7.38 -3.31
CA THR A 535 -8.46 -8.17 -2.79
C THR A 535 -7.14 -7.86 -3.44
N HIS A 536 -7.11 -7.17 -4.59
CA HIS A 536 -5.84 -6.93 -5.27
C HIS A 536 -5.69 -5.53 -5.83
N THR A 537 -6.60 -4.62 -5.52
CA THR A 537 -6.61 -3.31 -6.18
C THR A 537 -6.80 -2.21 -5.15
N PRO A 538 -5.82 -1.32 -4.94
CA PRO A 538 -6.04 -0.19 -4.03
C PRO A 538 -7.09 0.76 -4.60
N HIS A 539 -7.75 1.46 -3.68
CA HIS A 539 -8.83 2.39 -3.99
C HIS A 539 -8.50 3.77 -3.45
N ILE A 540 -8.80 4.78 -4.25
CA ILE A 540 -8.83 6.16 -3.81
C ILE A 540 -10.25 6.65 -4.01
N LEU A 541 -10.89 7.08 -2.91
CA LEU A 541 -12.23 7.66 -2.97
C LEU A 541 -12.12 9.18 -2.89
N ALA A 542 -12.38 9.84 -4.01
CA ALA A 542 -12.31 11.29 -4.11
C ALA A 542 -13.68 11.84 -3.74
N LEU A 543 -13.76 12.53 -2.60
CA LEU A 543 -15.01 12.92 -1.96
C LEU A 543 -15.08 14.44 -1.80
N THR A 544 -16.29 14.96 -1.71
CA THR A 544 -16.50 16.40 -1.71
C THR A 544 -16.61 16.97 -0.30
N ARG A 545 -16.19 18.23 -0.19
CA ARG A 545 -16.56 19.05 0.95
C ARG A 545 -18.01 19.51 0.82
N GLN A 546 -18.42 19.87 -0.38
CA GLN A 546 -19.69 20.54 -0.60
C GLN A 546 -20.82 19.54 -0.84
N ASN A 547 -22.04 19.98 -0.58
CA ASN A 547 -23.21 19.12 -0.73
C ASN A 547 -23.53 18.89 -2.20
N LEU A 548 -24.01 17.69 -2.50
CA LEU A 548 -24.45 17.31 -3.84
C LEU A 548 -25.82 16.67 -3.76
N PRO A 549 -26.66 16.84 -4.78
CA PRO A 549 -27.99 16.22 -4.75
C PRO A 549 -27.96 14.73 -5.00
N GLN A 550 -28.98 14.04 -4.47
CA GLN A 550 -29.21 12.67 -4.89
C GLN A 550 -29.72 12.64 -6.32
N LEU A 551 -29.14 11.77 -7.14
CA LEU A 551 -29.42 11.78 -8.57
C LEU A 551 -30.58 10.87 -8.93
N GLU A 552 -31.42 11.34 -9.85
CA GLU A 552 -32.37 10.46 -10.49
C GLU A 552 -31.62 9.51 -11.43
N GLY A 553 -31.76 8.21 -11.21
CA GLY A 553 -31.11 7.23 -12.06
C GLY A 553 -29.92 6.53 -11.43
N SER A 554 -29.45 6.94 -10.25
CA SER A 554 -28.31 6.27 -9.64
C SER A 554 -28.76 5.09 -8.80
N SER A 555 -27.86 4.12 -8.68
CA SER A 555 -28.07 2.99 -7.78
C SER A 555 -26.72 2.37 -7.51
N ILE A 556 -26.65 1.58 -6.44
CA ILE A 556 -25.44 0.81 -6.19
C ILE A 556 -25.17 -0.10 -7.37
N GLU A 557 -26.21 -0.78 -7.87
CA GLU A 557 -26.00 -1.74 -8.93
C GLU A 557 -25.36 -1.10 -10.15
N LYS A 558 -25.92 0.03 -10.60
CA LYS A 558 -25.39 0.64 -11.81
C LYS A 558 -24.00 1.24 -11.56
N ALA A 559 -23.82 1.92 -10.44
CA ALA A 559 -22.52 2.53 -10.16
C ALA A 559 -21.43 1.47 -10.00
N SER A 560 -21.80 0.26 -9.58
CA SER A 560 -20.82 -0.82 -9.42
C SER A 560 -20.16 -1.22 -10.75
N LYS A 561 -20.72 -0.79 -11.87
CA LYS A 561 -20.10 -1.05 -13.16
C LYS A 561 -19.02 -0.03 -13.51
N GLY A 562 -18.79 0.96 -12.64
CA GLY A 562 -17.73 1.95 -12.83
C GLY A 562 -18.17 3.12 -13.70
N GLY A 563 -18.93 2.83 -14.76
CA GLY A 563 -19.51 3.83 -15.63
C GLY A 563 -20.89 3.35 -16.04
N TYR A 564 -21.87 4.24 -16.12
CA TYR A 564 -23.20 3.82 -16.49
C TYR A 564 -23.96 5.00 -17.07
N THR A 565 -25.00 4.68 -17.82
CA THR A 565 -25.89 5.69 -18.38
C THR A 565 -26.83 6.15 -17.29
N LEU A 566 -26.69 7.41 -16.88
CA LEU A 566 -27.57 7.97 -15.88
C LEU A 566 -28.85 8.49 -16.52
N VAL A 567 -28.71 9.25 -17.60
CA VAL A 567 -29.82 9.75 -18.36
C VAL A 567 -29.65 9.25 -19.77
N GLN A 568 -30.55 8.36 -20.18
CA GLN A 568 -30.55 7.79 -21.52
C GLN A 568 -31.37 8.68 -22.44
N GLN A 569 -30.79 9.01 -23.57
CA GLN A 569 -31.46 9.83 -24.57
C GLN A 569 -31.24 9.14 -25.91
N ASP A 570 -32.23 8.36 -26.33
CA ASP A 570 -32.17 7.83 -27.67
C ASP A 570 -32.25 9.08 -28.55
N LYS A 571 -31.54 9.12 -29.66
CA LYS A 571 -31.52 10.37 -30.46
C LYS A 571 -30.79 11.53 -29.76
N ALA A 572 -29.87 11.25 -28.86
CA ALA A 572 -29.03 12.30 -28.31
C ALA A 572 -28.21 12.97 -29.42
N ASP A 573 -28.10 14.28 -29.32
CA ASP A 573 -27.15 15.05 -30.14
C ASP A 573 -25.76 15.03 -29.51
N ILE A 574 -25.70 14.76 -28.22
CA ILE A 574 -24.43 14.73 -27.49
C ILE A 574 -24.67 13.93 -26.23
N ILE A 575 -23.61 13.27 -25.76
CA ILE A 575 -23.59 12.64 -24.45
C ILE A 575 -22.56 13.39 -23.63
N ILE A 576 -22.94 13.76 -22.40
CA ILE A 576 -22.01 14.38 -21.46
C ILE A 576 -21.61 13.31 -20.47
N VAL A 577 -20.30 13.03 -20.36
CA VAL A 577 -19.79 12.08 -19.37
C VAL A 577 -19.11 12.88 -18.28
N ALA A 578 -19.42 12.56 -17.02
CA ALA A 578 -18.96 13.34 -15.88
C ALA A 578 -18.74 12.42 -14.70
N THR A 579 -18.08 12.97 -13.68
CA THR A 579 -17.84 12.28 -12.41
C THR A 579 -18.21 13.19 -11.26
N GLY A 580 -18.46 12.59 -10.11
CA GLY A 580 -18.56 13.33 -8.86
C GLY A 580 -19.49 14.51 -8.92
N SER A 581 -19.00 15.64 -8.41
CA SER A 581 -19.76 16.88 -8.38
C SER A 581 -20.20 17.38 -9.75
N GLU A 582 -19.56 16.96 -10.83
CA GLU A 582 -19.92 17.45 -12.14
C GLU A 582 -21.05 16.65 -12.79
N VAL A 583 -21.49 15.55 -12.20
CA VAL A 583 -22.64 14.83 -12.76
C VAL A 583 -23.90 15.68 -12.60
N SER A 584 -24.12 16.23 -11.41
CA SER A 584 -25.27 17.10 -11.19
C SER A 584 -25.21 18.31 -12.12
N LEU A 585 -24.01 18.86 -12.29
CA LEU A 585 -23.83 19.96 -13.24
C LEU A 585 -24.24 19.56 -14.64
N ALA A 586 -23.82 18.37 -15.10
CA ALA A 586 -24.20 17.89 -16.41
C ALA A 586 -25.72 17.72 -16.55
N VAL A 587 -26.37 17.21 -15.50
CA VAL A 587 -27.83 17.09 -15.52
C VAL A 587 -28.49 18.45 -15.64
N ASP A 588 -27.99 19.45 -14.92
CA ASP A 588 -28.52 20.80 -15.06
C ASP A 588 -28.23 21.36 -16.44
N ALA A 589 -27.05 21.09 -17.00
CA ALA A 589 -26.74 21.55 -18.35
C ALA A 589 -27.68 20.93 -19.38
N LEU A 590 -28.11 19.68 -19.15
CA LEU A 590 -29.05 19.02 -20.05
C LEU A 590 -30.31 19.86 -20.19
N LYS A 591 -30.80 20.41 -19.08
CA LYS A 591 -31.99 21.24 -19.13
C LYS A 591 -31.74 22.53 -19.90
N VAL A 592 -30.56 23.15 -19.72
CA VAL A 592 -30.25 24.35 -20.50
C VAL A 592 -30.23 24.01 -21.99
N LEU A 593 -29.58 22.90 -22.32
CA LEU A 593 -29.47 22.49 -23.71
C LEU A 593 -30.84 22.23 -24.33
N GLU A 594 -31.76 21.64 -23.57
CA GLU A 594 -33.10 21.40 -24.11
C GLU A 594 -33.71 22.71 -24.59
N GLY A 595 -33.48 23.80 -23.84
CA GLY A 595 -33.96 25.10 -24.24
C GLY A 595 -33.31 25.64 -25.50
N GLN A 596 -32.14 25.13 -25.85
CA GLN A 596 -31.48 25.47 -27.09
C GLN A 596 -31.77 24.46 -28.19
N GLY A 597 -32.69 23.52 -27.97
CA GLY A 597 -33.01 22.55 -28.99
C GLY A 597 -32.00 21.44 -29.14
N ILE A 598 -31.21 21.17 -28.10
CA ILE A 598 -30.19 20.13 -28.13
C ILE A 598 -30.54 19.08 -27.09
N LYS A 599 -30.57 17.83 -27.52
CA LYS A 599 -30.89 16.71 -26.66
C LYS A 599 -29.61 16.05 -26.19
N ALA A 600 -29.42 15.97 -24.88
CA ALA A 600 -28.23 15.36 -24.30
C ALA A 600 -28.58 14.13 -23.47
N GLY A 601 -27.67 13.15 -23.48
CA GLY A 601 -27.65 12.10 -22.47
C GLY A 601 -26.55 12.40 -21.46
N VAL A 602 -26.61 11.73 -20.32
CA VAL A 602 -25.59 11.88 -19.29
C VAL A 602 -25.10 10.51 -18.88
N VAL A 603 -23.78 10.35 -18.85
CA VAL A 603 -23.07 9.20 -18.32
C VAL A 603 -22.36 9.63 -17.03
N SER A 604 -22.52 8.83 -15.99
CA SER A 604 -21.71 8.98 -14.79
C SER A 604 -20.60 7.93 -14.80
N LEU A 605 -19.37 8.36 -14.53
CA LEU A 605 -18.20 7.48 -14.61
C LEU A 605 -17.47 7.48 -13.26
N PRO A 606 -18.10 6.92 -12.22
CA PRO A 606 -17.48 6.99 -10.89
C PRO A 606 -16.13 6.31 -10.77
N ASP A 607 -15.85 5.26 -11.53
CA ASP A 607 -14.49 4.69 -11.51
C ASP A 607 -14.08 4.24 -12.91
N GLN A 608 -13.07 4.91 -13.48
CA GLN A 608 -12.61 4.55 -14.81
C GLN A 608 -12.03 3.15 -14.85
N LEU A 609 -11.32 2.72 -13.81
CA LEU A 609 -10.73 1.38 -13.88
C LEU A 609 -11.80 0.31 -13.90
N THR A 610 -12.74 0.38 -12.95
CA THR A 610 -13.86 -0.57 -12.95
C THR A 610 -14.58 -0.57 -14.29
N PHE A 611 -14.85 0.62 -14.84
CA PHE A 611 -15.48 0.70 -16.14
C PHE A 611 -14.66 -0.01 -17.21
N ASP A 612 -13.35 0.25 -17.24
CA ASP A 612 -12.49 -0.35 -18.27
C ASP A 612 -12.56 -1.88 -18.24
N LYS A 613 -12.76 -2.47 -17.07
CA LYS A 613 -12.79 -3.91 -16.91
C LYS A 613 -14.11 -4.53 -17.32
N GLN A 614 -15.13 -3.73 -17.61
CA GLN A 614 -16.39 -4.29 -18.10
C GLN A 614 -16.22 -4.77 -19.53
N SER A 615 -17.21 -5.52 -20.00
CA SER A 615 -17.14 -6.05 -21.35
C SER A 615 -17.20 -4.93 -22.39
N GLU A 616 -16.62 -5.19 -23.56
CA GLU A 616 -16.65 -4.19 -24.62
C GLU A 616 -18.08 -3.83 -24.98
N GLU A 617 -18.98 -4.80 -25.00
CA GLU A 617 -20.37 -4.50 -25.31
C GLU A 617 -21.00 -3.63 -24.24
N TYR A 618 -20.73 -3.90 -22.96
CA TYR A 618 -21.26 -3.01 -21.93
C TYR A 618 -20.71 -1.61 -22.11
N LYS A 619 -19.40 -1.49 -22.33
CA LYS A 619 -18.81 -0.17 -22.45
C LYS A 619 -19.40 0.61 -23.62
N LEU A 620 -19.60 -0.07 -24.75
CA LEU A 620 -20.22 0.58 -25.91
C LEU A 620 -21.68 0.97 -25.67
N SER A 621 -22.40 0.26 -24.79
CA SER A 621 -23.75 0.68 -24.46
C SER A 621 -23.77 2.00 -23.70
N VAL A 622 -22.67 2.32 -23.04
CA VAL A 622 -22.52 3.55 -22.29
C VAL A 622 -21.96 4.67 -23.17
N LEU A 623 -20.98 4.35 -24.02
CA LEU A 623 -20.32 5.32 -24.88
C LEU A 623 -20.43 4.80 -26.32
N PRO A 624 -21.60 4.97 -26.93
CA PRO A 624 -21.85 4.36 -28.25
C PRO A 624 -21.16 5.14 -29.36
N ASP A 625 -21.11 4.52 -30.53
CA ASP A 625 -20.72 5.19 -31.76
C ASP A 625 -21.79 6.19 -32.18
N GLY A 626 -21.40 7.10 -33.06
CA GLY A 626 -22.35 7.94 -33.75
C GLY A 626 -22.84 9.14 -32.99
N VAL A 627 -22.20 9.51 -31.89
CA VAL A 627 -22.67 10.66 -31.13
C VAL A 627 -21.48 11.34 -30.48
N PRO A 628 -21.32 12.66 -30.58
CA PRO A 628 -20.23 13.31 -29.86
C PRO A 628 -20.37 13.14 -28.35
N ILE A 629 -19.23 13.00 -27.69
CA ILE A 629 -19.19 12.84 -26.25
C ILE A 629 -18.26 13.91 -25.67
N LEU A 630 -18.76 14.64 -24.68
CA LEU A 630 -18.04 15.70 -24.01
C LEU A 630 -17.86 15.27 -22.56
N SER A 631 -16.63 15.32 -22.05
CA SER A 631 -16.38 15.06 -20.64
C SER A 631 -16.39 16.35 -19.83
N VAL A 632 -16.87 16.26 -18.60
CA VAL A 632 -16.89 17.38 -17.67
C VAL A 632 -16.40 16.91 -16.29
N GLU A 633 -15.28 17.47 -15.84
CA GLU A 633 -14.68 17.16 -14.54
C GLU A 633 -13.74 18.32 -14.23
N VAL A 634 -13.86 18.89 -13.04
CA VAL A 634 -13.21 20.17 -12.72
C VAL A 634 -11.75 20.00 -12.31
N MET A 635 -11.01 19.23 -13.09
CA MET A 635 -9.57 19.02 -12.92
C MET A 635 -9.00 18.61 -14.27
N SER A 636 -7.78 18.08 -14.28
CA SER A 636 -7.06 17.86 -15.53
C SER A 636 -7.89 17.09 -16.53
N THR A 637 -7.75 17.46 -17.80
CA THR A 637 -8.37 16.68 -18.86
C THR A 637 -7.56 15.46 -19.27
N PHE A 638 -6.40 15.21 -18.67
CA PHE A 638 -5.62 14.03 -19.04
C PHE A 638 -6.41 12.75 -18.76
N GLY A 639 -6.31 11.79 -19.68
CA GLY A 639 -7.02 10.53 -19.62
C GLY A 639 -8.41 10.57 -20.25
N TRP A 640 -9.04 11.73 -20.29
CA TRP A 640 -10.46 11.79 -20.61
C TRP A 640 -10.75 11.47 -22.06
N SER A 641 -9.78 11.63 -22.95
CA SER A 641 -9.96 11.21 -24.34
C SER A 641 -10.18 9.71 -24.50
N LYS A 642 -9.97 8.92 -23.46
CA LYS A 642 -10.36 7.51 -23.54
C LYS A 642 -11.87 7.36 -23.67
N TYR A 643 -12.63 8.36 -23.21
CA TYR A 643 -14.06 8.25 -23.05
C TYR A 643 -14.82 9.35 -23.75
N SER A 644 -14.14 10.30 -24.40
CA SER A 644 -14.82 11.48 -24.90
C SER A 644 -14.07 12.00 -26.13
N HIS A 645 -14.79 12.78 -26.93
CA HIS A 645 -14.20 13.45 -28.08
C HIS A 645 -13.67 14.82 -27.72
N GLN A 646 -14.34 15.51 -26.84
CA GLN A 646 -13.92 16.81 -26.35
C GLN A 646 -13.99 16.78 -24.84
N GLN A 647 -13.17 17.62 -24.20
CA GLN A 647 -13.01 17.56 -22.74
C GLN A 647 -13.08 18.96 -22.18
N PHE A 648 -14.00 19.16 -21.25
CA PHE A 648 -14.09 20.39 -20.48
C PHE A 648 -13.55 20.09 -19.09
N GLY A 649 -12.37 20.62 -18.79
CA GLY A 649 -11.76 20.43 -17.49
C GLY A 649 -11.06 21.69 -17.05
N LEU A 650 -10.26 21.55 -16.00
CA LEU A 650 -9.53 22.65 -15.39
C LEU A 650 -8.06 22.26 -15.42
N ASN A 651 -7.28 22.93 -16.26
CA ASN A 651 -5.87 22.65 -16.48
C ASN A 651 -4.98 23.79 -15.99
N ARG A 652 -5.50 24.60 -15.10
CA ARG A 652 -4.79 25.66 -14.41
C ARG A 652 -5.05 25.50 -12.92
N PHE A 653 -4.23 26.16 -12.10
CA PHE A 653 -4.45 26.08 -10.67
C PHE A 653 -5.72 26.84 -10.28
N GLY A 654 -6.20 26.57 -9.08
CA GLY A 654 -7.46 27.14 -8.63
C GLY A 654 -7.35 28.53 -8.07
N ALA A 655 -8.16 28.80 -7.04
CA ALA A 655 -8.28 30.15 -6.52
C ALA A 655 -8.85 30.08 -5.11
N SER A 656 -8.58 31.11 -4.32
CA SER A 656 -9.10 31.20 -2.97
C SER A 656 -10.36 32.08 -2.98
N GLY A 657 -11.52 31.47 -2.76
CA GLY A 657 -12.78 32.20 -2.69
C GLY A 657 -13.89 31.23 -2.36
N LYS A 658 -15.10 31.79 -2.21
CA LYS A 658 -16.27 30.95 -2.02
C LYS A 658 -16.45 30.01 -3.21
N ALA A 659 -16.65 28.72 -2.94
CA ALA A 659 -16.61 27.74 -4.01
C ALA A 659 -17.55 28.06 -5.16
N PRO A 660 -18.80 28.48 -4.96
CA PRO A 660 -19.65 28.75 -6.12
C PRO A 660 -19.09 29.84 -7.01
N GLU A 661 -18.36 30.81 -6.44
CA GLU A 661 -17.77 31.86 -7.25
C GLU A 661 -16.60 31.35 -8.07
N ILE A 662 -15.88 30.35 -7.55
CA ILE A 662 -14.80 29.76 -8.33
C ILE A 662 -15.36 29.01 -9.53
N PHE A 663 -16.40 28.18 -9.29
CA PHE A 663 -17.07 27.50 -10.39
C PHE A 663 -17.54 28.49 -11.45
N LYS A 664 -18.16 29.60 -11.05
CA LYS A 664 -18.59 30.60 -12.02
C LYS A 664 -17.40 31.19 -12.77
N LEU A 665 -16.30 31.48 -12.05
CA LEU A 665 -15.14 32.06 -12.71
C LEU A 665 -14.64 31.18 -13.84
N PHE A 666 -14.60 29.87 -13.63
CA PHE A 666 -14.11 28.95 -14.62
C PHE A 666 -15.21 28.41 -15.54
N GLU A 667 -16.43 28.92 -15.41
CA GLU A 667 -17.57 28.62 -16.28
C GLU A 667 -18.02 27.18 -16.16
N PHE A 668 -17.73 26.55 -15.03
CA PHE A 668 -18.36 25.28 -14.69
C PHE A 668 -19.74 25.56 -14.09
N THR A 669 -20.64 25.96 -14.97
CA THR A 669 -22.02 26.29 -14.68
C THR A 669 -22.86 25.56 -15.69
N PRO A 670 -24.17 25.46 -15.46
CA PRO A 670 -25.04 24.84 -16.47
C PRO A 670 -24.92 25.52 -17.83
N GLU A 671 -24.84 26.85 -17.85
CA GLU A 671 -24.70 27.59 -19.10
C GLU A 671 -23.35 27.38 -19.73
N GLY A 672 -22.27 27.33 -18.93
CA GLY A 672 -20.94 27.15 -19.49
C GLY A 672 -20.76 25.76 -20.09
N VAL A 673 -21.30 24.74 -19.41
CA VAL A 673 -21.29 23.40 -19.97
C VAL A 673 -22.14 23.33 -21.22
N ALA A 674 -23.33 23.92 -21.18
CA ALA A 674 -24.18 23.91 -22.38
C ALA A 674 -23.51 24.59 -23.55
N GLU A 675 -22.79 25.68 -23.29
CA GLU A 675 -22.11 26.36 -24.39
C GLU A 675 -21.09 25.46 -25.04
N ARG A 676 -20.31 24.76 -24.24
CA ARG A 676 -19.30 23.88 -24.80
C ARG A 676 -19.92 22.65 -25.45
N ALA A 677 -21.05 22.18 -24.92
CA ALA A 677 -21.75 21.08 -25.57
C ALA A 677 -22.29 21.50 -26.92
N ALA A 678 -22.86 22.71 -26.99
CA ALA A 678 -23.34 23.20 -28.28
C ALA A 678 -22.20 23.34 -29.27
N LYS A 679 -21.05 23.87 -28.81
CA LYS A 679 -19.90 23.97 -29.70
C LYS A 679 -19.42 22.61 -30.14
N THR A 680 -19.56 21.59 -29.28
CA THR A 680 -19.15 20.24 -29.65
C THR A 680 -20.08 19.67 -30.72
N VAL A 681 -21.39 19.84 -30.55
CA VAL A 681 -22.33 19.42 -31.59
C VAL A 681 -21.99 20.08 -32.91
N ALA A 682 -21.70 21.39 -32.89
CA ALA A 682 -21.42 22.10 -34.14
C ALA A 682 -20.12 21.61 -34.77
N PHE A 683 -19.10 21.35 -33.95
CA PHE A 683 -17.79 20.93 -34.45
C PHE A 683 -17.88 19.61 -35.21
N TYR A 684 -18.82 18.73 -34.85
CA TYR A 684 -18.97 17.43 -35.48
C TYR A 684 -20.09 17.37 -36.52
N LYS A 685 -20.75 18.49 -36.80
CA LYS A 685 -21.76 18.49 -37.85
C LYS A 685 -21.15 18.04 -39.17
N GLY A 686 -21.74 17.02 -39.78
CA GLY A 686 -21.24 16.49 -41.04
C GLY A 686 -20.01 15.62 -40.93
N LYS A 687 -19.64 15.22 -39.72
CA LYS A 687 -18.54 14.30 -39.51
C LYS A 687 -19.11 12.96 -39.06
N ASP A 688 -18.38 11.89 -39.37
CA ASP A 688 -18.69 10.56 -38.86
C ASP A 688 -17.94 10.38 -37.54
N VAL A 689 -18.70 10.12 -36.48
CA VAL A 689 -18.16 10.05 -35.13
C VAL A 689 -18.24 8.60 -34.67
N VAL A 690 -17.12 8.04 -34.21
CA VAL A 690 -17.13 6.70 -33.62
C VAL A 690 -16.76 6.82 -32.15
N SER A 691 -17.15 5.81 -31.40
CA SER A 691 -16.96 5.85 -29.96
C SER A 691 -15.49 6.09 -29.63
N PRO A 692 -15.21 6.87 -28.59
CA PRO A 692 -13.82 6.97 -28.13
C PRO A 692 -13.23 5.64 -27.71
N LEU A 693 -14.08 4.64 -27.46
CA LEU A 693 -13.60 3.30 -27.08
C LEU A 693 -12.96 2.56 -28.24
N ARG A 694 -13.21 2.98 -29.48
CA ARG A 694 -12.58 2.33 -30.62
C ARG A 694 -11.12 2.74 -30.70
N SER A 695 -10.29 1.83 -31.20
CA SER A 695 -8.88 2.16 -31.42
C SER A 695 -8.34 1.29 -32.54
N ALA A 696 -7.19 1.69 -33.07
CA ALA A 696 -6.58 0.95 -34.17
C ALA A 696 -5.84 -0.29 -33.71
N PHE A 697 -5.48 -0.38 -32.44
CA PHE A 697 -4.75 -1.53 -31.91
C PHE A 697 -4.97 -1.49 -30.39
#